data_3FAX
#
_entry.id   3FAX
#
_cell.length_a   48.214
_cell.length_b   102.862
_cell.length_c   171.690
_cell.angle_alpha   90.00
_cell.angle_beta   90.00
_cell.angle_gamma   90.00
#
_symmetry.space_group_name_H-M   'P 21 21 21'
#
loop_
_entity.id
_entity.type
_entity.pdbx_description
1 polymer 'Reticulocyte binding protein'
2 branched alpha-D-glucopyranose-(1-4)-alpha-D-glucopyranose-(1-4)-beta-D-glucopyranose
3 non-polymer 'CALCIUM ION'
4 non-polymer 'CHLORIDE ION'
5 water water
#
_entity_poly.entity_id   1
_entity_poly.type   'polypeptide(L)'
_entity_poly.pdbx_seq_one_letter_code
;VKVQPNDYVFRDLANHNQIFVKDKDPKVYNNPYYIDQVQLKDAQQTDLTSIQASFTTLDGVDKTEILKELKVTDKNQNAI
QISDITLDTSKSLLIIKGDFNPKQGHFNISYNGNNVTTRQSWEFKDQLYAYSGNLGAVLNQDGSKVEASLWSPSADSVTM
IIYDKDNQNRVVATTPLVKNNKGVWQTILDTKLGIKNYTGYYYLYEIKRGKDKVKILDPYAKSLAEWDSNTVNDDIKTAK
AAFVNPSQLGPQNLSFAKIANFKGRQDAVIYEAHVRDFTSDQSLDGKLKNQLGTFAAFSEKLDYLQKLGVTHIQLLPVLS
YFYVNEMDKSRSTAYTSSDNNYNWGYDPQSYFALSGMYSEKPKDPSARIAELKQLIHDIHKRGMGVILDVVYNHTAKTYL
FEDIEPNYYHFMNEDGSPRESFGGGRLGTTHAMSRRVLVDSIKYLTSEFKVDGFRFDMMGDHDAAAIELAYKEAKAINPN
MIMIGEGWRTFQGDQGKPVKPADQDWMKSTDTVGVFSDDIRNSLKSGFPNEGTPAFITGGPQSLQGIFKNIKAQPGNFEA
DSPGDVVQYIAAHDNLTLHDVIAKSINKDPKVAEEDIHRRLRLGNVMILTSQGTAFIHSGQEYGRTKRLLNPDYMTKVSD
DKLPNKATLIEAVKEYPYFIHDSYDSSDAINHFDWAAATDNNKHPISTKTQAYTAGLITLRRSTDAFRKLSKAEIDREVS
LITEVGQGDIKEKDLVIAYQTIDSKGDIYAVFVNADSKARNVLLGEKYKHLLKGQVIVDADQAGIKPISTPRGVHFEKDS
LLIDPLTAIVIKVGKVAPSPKEELQADYPKTQSFKGSKTVEKVNRIANKTSITPVVSNKTDSYLTNEANLEHHHHHH
;
_entity_poly.pdbx_strand_id   A
#
# COMPACT_ATOMS: atom_id res chain seq x y z
N VAL A 38 -33.62 33.27 8.44
CA VAL A 38 -33.98 31.93 9.01
C VAL A 38 -34.63 31.05 7.92
N GLN A 39 -33.78 30.36 7.16
CA GLN A 39 -34.22 29.57 6.02
C GLN A 39 -33.74 28.12 6.09
N LEU A 40 -34.56 27.22 5.55
CA LEU A 40 -34.23 25.80 5.51
C LEU A 40 -33.19 25.55 4.41
N LYS A 41 -32.08 24.91 4.80
CA LYS A 41 -31.00 24.61 3.86
C LYS A 41 -31.14 23.17 3.35
N ASP A 42 -31.01 22.22 4.27
CA ASP A 42 -30.81 20.82 3.94
C ASP A 42 -31.74 19.98 4.80
N ALA A 43 -31.79 18.69 4.52
CA ALA A 43 -32.57 17.76 5.34
C ALA A 43 -32.09 16.32 5.15
N GLN A 44 -31.96 15.61 6.26
CA GLN A 44 -31.53 14.21 6.25
C GLN A 44 -32.38 13.37 7.20
N GLN A 45 -32.93 12.26 6.70
CA GLN A 45 -33.58 11.30 7.58
C GLN A 45 -32.50 10.43 8.23
N THR A 46 -32.49 10.40 9.56
CA THR A 46 -31.46 9.73 10.33
C THR A 46 -31.91 8.38 10.92
N ASP A 47 -33.20 8.24 11.22
CA ASP A 47 -33.78 6.93 11.53
C ASP A 47 -35.28 6.90 11.22
N LEU A 48 -35.93 5.77 11.56
CA LEU A 48 -37.35 5.56 11.25
C LEU A 48 -38.26 6.74 11.63
N THR A 49 -37.91 7.45 12.70
CA THR A 49 -38.78 8.51 13.22
C THR A 49 -38.06 9.83 13.44
N SER A 50 -36.97 10.06 12.71
CA SER A 50 -36.15 11.26 12.90
C SER A 50 -35.66 11.85 11.59
N ILE A 51 -36.05 13.10 11.34
CA ILE A 51 -35.54 13.88 10.22
C ILE A 51 -34.81 15.09 10.77
N GLN A 52 -33.64 15.36 10.21
CA GLN A 52 -32.75 16.40 10.68
C GLN A 52 -32.73 17.50 9.63
N ALA A 53 -33.30 18.65 9.95
CA ALA A 53 -33.37 19.76 9.00
C ALA A 53 -32.31 20.81 9.35
N SER A 54 -31.40 21.07 8.42
CA SER A 54 -30.35 22.07 8.62
C SER A 54 -30.87 23.45 8.18
N PHE A 55 -30.61 24.45 9.02
CA PHE A 55 -31.04 25.83 8.75
C PHE A 55 -29.83 26.75 8.75
N THR A 56 -30.00 27.97 8.23
CA THR A 56 -28.94 28.99 8.27
C THR A 56 -28.70 29.44 9.70
N THR A 57 -29.78 29.58 10.47
CA THR A 57 -29.71 30.02 11.86
C THR A 57 -31.02 29.72 12.58
N LEU A 58 -30.98 29.61 13.91
CA LEU A 58 -32.19 29.44 14.73
C LEU A 58 -32.31 30.51 15.83
N ASP A 59 -31.53 31.59 15.70
CA ASP A 59 -31.52 32.65 16.70
C ASP A 59 -32.84 33.42 16.69
N GLY A 60 -33.45 33.58 17.86
CA GLY A 60 -34.64 34.43 18.01
C GLY A 60 -35.95 33.82 17.55
N VAL A 61 -35.88 32.60 17.00
CA VAL A 61 -37.07 31.86 16.61
C VAL A 61 -37.37 30.81 17.68
N ASP A 62 -38.67 30.59 17.92
CA ASP A 62 -39.15 29.80 19.05
C ASP A 62 -39.58 28.41 18.57
N LYS A 63 -39.72 27.47 19.50
CA LYS A 63 -40.25 26.15 19.17
C LYS A 63 -41.68 26.28 18.65
N THR A 64 -42.44 27.21 19.23
CA THR A 64 -43.84 27.46 18.84
C THR A 64 -43.98 28.09 17.46
N GLU A 65 -43.10 29.05 17.14
CA GLU A 65 -43.12 29.73 15.84
C GLU A 65 -42.68 28.78 14.72
N ILE A 66 -41.77 27.86 15.04
CA ILE A 66 -41.28 26.89 14.04
C ILE A 66 -42.34 25.84 13.74
N LEU A 67 -42.92 25.25 14.79
CA LEU A 67 -44.02 24.28 14.62
C LEU A 67 -45.14 24.84 13.75
N LYS A 68 -45.35 26.15 13.84
CA LYS A 68 -46.33 26.85 13.03
C LYS A 68 -46.00 26.70 11.53
N GLU A 69 -44.84 27.21 11.12
CA GLU A 69 -44.46 27.29 9.71
C GLU A 69 -43.98 25.95 9.13
N LEU A 70 -43.38 25.11 9.97
CA LEU A 70 -42.79 23.86 9.52
C LEU A 70 -43.86 22.84 9.14
N LYS A 71 -43.68 22.21 7.98
CA LYS A 71 -44.60 21.16 7.52
C LYS A 71 -43.87 20.06 6.73
N VAL A 72 -44.24 18.81 7.00
CA VAL A 72 -43.61 17.64 6.40
C VAL A 72 -44.58 16.92 5.45
N THR A 73 -44.04 16.46 4.33
CA THR A 73 -44.84 15.84 3.27
C THR A 73 -44.17 14.54 2.80
N ASP A 74 -44.97 13.58 2.36
CA ASP A 74 -44.44 12.31 1.86
C ASP A 74 -44.26 12.31 0.34
N LYS A 75 -43.74 11.19 -0.17
CA LYS A 75 -43.70 10.90 -1.61
C LYS A 75 -44.75 11.68 -2.41
N GLN A 77 -47.07 13.48 -1.52
CA GLN A 77 -47.67 14.80 -1.43
C GLN A 77 -48.44 15.03 -0.12
N ASN A 78 -48.85 13.94 0.54
CA ASN A 78 -49.67 13.99 1.76
C ASN A 78 -48.90 14.49 2.98
N ALA A 79 -49.60 15.19 3.88
CA ALA A 79 -48.99 15.75 5.09
C ALA A 79 -48.78 14.67 6.15
N ILE A 80 -47.59 14.67 6.76
CA ILE A 80 -47.27 13.77 7.88
C ILE A 80 -47.44 14.51 9.21
N GLN A 81 -48.01 13.82 10.20
CA GLN A 81 -48.23 14.39 11.52
C GLN A 81 -46.89 14.63 12.20
N ILE A 82 -46.66 15.88 12.57
CA ILE A 82 -45.39 16.33 13.12
C ILE A 82 -45.45 16.13 14.63
N SER A 83 -44.66 15.20 15.13
CA SER A 83 -44.79 14.68 16.50
C SER A 83 -44.14 15.61 17.54
N ASP A 84 -42.99 16.16 17.20
CA ASP A 84 -42.26 17.11 18.06
C ASP A 84 -41.06 17.67 17.29
N ILE A 85 -40.57 18.84 17.70
CA ILE A 85 -39.29 19.32 17.20
C ILE A 85 -38.38 19.65 18.37
N THR A 86 -37.08 19.48 18.16
CA THR A 86 -36.08 19.94 19.13
C THR A 86 -35.04 20.77 18.39
N LEU A 87 -34.76 21.95 18.93
CA LEU A 87 -33.82 22.87 18.34
C LEU A 87 -32.42 22.60 18.85
N ASP A 88 -31.45 22.51 17.94
CA ASP A 88 -30.05 22.59 18.29
C ASP A 88 -29.56 23.93 17.71
N THR A 89 -29.71 24.98 18.52
CA THR A 89 -29.37 26.35 18.10
C THR A 89 -27.90 26.48 17.73
N SER A 90 -27.06 25.74 18.45
CA SER A 90 -25.61 25.70 18.19
C SER A 90 -25.30 25.23 16.77
N LYS A 91 -25.88 24.09 16.40
CA LYS A 91 -25.59 23.47 15.11
C LYS A 91 -26.55 23.95 14.02
N SER A 92 -27.50 24.80 14.39
CA SER A 92 -28.53 25.35 13.50
C SER A 92 -29.33 24.25 12.81
N LEU A 93 -29.92 23.36 13.60
CA LEU A 93 -30.75 22.33 13.03
C LEU A 93 -31.89 21.90 13.93
N LEU A 94 -33.00 21.55 13.29
CA LEU A 94 -34.16 20.97 13.95
C LEU A 94 -34.10 19.46 13.85
N ILE A 95 -34.34 18.78 14.96
CA ILE A 95 -34.63 17.36 14.93
C ILE A 95 -36.15 17.22 14.94
N ILE A 96 -36.67 16.65 13.86
CA ILE A 96 -38.11 16.49 13.65
C ILE A 96 -38.50 15.04 13.89
N LYS A 97 -39.49 14.83 14.75
CA LYS A 97 -39.99 13.50 15.07
C LYS A 97 -41.33 13.24 14.38
N GLY A 98 -41.47 12.05 13.80
CA GLY A 98 -42.73 11.63 13.20
C GLY A 98 -42.66 10.20 12.73
N ASP A 99 -43.76 9.71 12.16
CA ASP A 99 -43.76 8.41 11.53
C ASP A 99 -43.30 8.61 10.10
N PHE A 100 -41.98 8.65 9.90
CA PHE A 100 -41.40 8.87 8.59
C PHE A 100 -40.97 7.55 7.97
N ASN A 101 -41.92 6.66 7.71
CA ASN A 101 -41.60 5.35 7.13
C ASN A 101 -40.98 5.46 5.74
N PRO A 102 -39.78 4.88 5.55
CA PRO A 102 -39.01 4.98 4.30
C PRO A 102 -39.84 4.81 3.04
N LYS A 103 -40.70 3.80 3.04
CA LYS A 103 -41.42 3.38 1.84
C LYS A 103 -42.45 4.39 1.35
N GLN A 104 -42.82 5.34 2.22
CA GLN A 104 -43.61 6.50 1.78
C GLN A 104 -42.71 7.54 1.09
N GLY A 105 -41.84 7.05 0.21
CA GLY A 105 -40.83 7.85 -0.49
C GLY A 105 -39.96 8.68 0.43
N HIS A 106 -39.13 9.53 -0.16
CA HIS A 106 -38.43 10.55 0.61
C HIS A 106 -39.41 11.65 0.93
N PHE A 107 -39.18 12.33 2.05
CA PHE A 107 -40.05 13.40 2.51
C PHE A 107 -39.46 14.72 2.09
N ASN A 108 -40.29 15.75 1.97
CA ASN A 108 -39.76 17.07 1.70
C ASN A 108 -40.32 18.08 2.70
N ILE A 109 -39.42 18.94 3.18
CA ILE A 109 -39.70 19.81 4.31
C ILE A 109 -39.97 21.23 3.82
N SER A 110 -41.04 21.82 4.35
CA SER A 110 -41.45 23.17 4.01
C SER A 110 -41.11 24.12 5.14
N TYR A 111 -40.61 25.28 4.75
CA TYR A 111 -40.44 26.43 5.59
C TYR A 111 -40.33 27.66 4.65
N ASN A 112 -40.83 28.82 5.07
CA ASN A 112 -40.96 30.00 4.19
C ASN A 112 -41.61 29.73 2.86
N ASN A 114 -39.08 27.93 0.82
CA ASN A 114 -38.42 26.91 0.02
C ASN A 114 -38.56 25.53 0.62
N ASN A 115 -38.59 24.52 -0.25
CA ASN A 115 -38.72 23.13 0.19
C ASN A 115 -37.47 22.31 -0.11
N VAL A 116 -37.28 21.24 0.64
CA VAL A 116 -36.12 20.37 0.44
C VAL A 116 -36.51 18.90 0.63
N THR A 117 -36.26 18.08 -0.38
CA THR A 117 -36.43 16.64 -0.28
C THR A 117 -35.36 16.08 0.64
N THR A 118 -35.76 15.18 1.54
CA THR A 118 -34.85 14.56 2.48
C THR A 118 -33.99 13.54 1.77
N ARG A 119 -32.76 13.42 2.23
CA ARG A 119 -31.83 12.41 1.81
C ARG A 119 -31.62 11.46 2.98
N GLN A 120 -31.34 10.19 2.71
CA GLN A 120 -31.03 9.24 3.77
C GLN A 120 -29.55 9.37 4.15
N SER A 121 -29.26 9.46 5.45
CA SER A 121 -27.87 9.48 5.92
C SER A 121 -27.26 8.10 5.75
N TRP A 122 -25.93 8.03 5.65
CA TRP A 122 -25.27 6.75 5.40
C TRP A 122 -25.56 5.74 6.51
N GLU A 123 -25.67 6.23 7.75
CA GLU A 123 -26.06 5.37 8.88
C GLU A 123 -27.47 4.82 8.68
N PHE A 124 -28.35 5.64 8.15
CA PHE A 124 -29.72 5.22 7.91
C PHE A 124 -29.80 4.24 6.73
N LYS A 125 -29.06 4.52 5.66
CA LYS A 125 -28.97 3.59 4.53
C LYS A 125 -28.44 2.24 4.97
N ASP A 126 -27.45 2.21 5.86
CA ASP A 126 -26.97 0.95 6.44
C ASP A 126 -28.08 0.24 7.22
N GLN A 127 -28.81 0.99 8.04
CA GLN A 127 -29.90 0.43 8.82
C GLN A 127 -30.92 -0.26 7.92
N LEU A 128 -31.25 0.36 6.79
CA LEU A 128 -32.31 -0.15 5.91
C LEU A 128 -31.80 -1.11 4.84
N TYR A 129 -30.57 -0.91 4.37
CA TYR A 129 -30.07 -1.59 3.18
C TYR A 129 -28.78 -2.39 3.33
N ALA A 130 -28.14 -2.35 4.49
CA ALA A 130 -26.90 -3.13 4.67
C ALA A 130 -27.18 -4.60 4.39
N TYR A 131 -26.47 -5.13 3.40
CA TYR A 131 -26.68 -6.48 2.91
C TYR A 131 -25.48 -7.34 3.24
N SER A 132 -25.73 -8.57 3.65
CA SER A 132 -24.68 -9.51 4.05
C SER A 132 -24.37 -10.57 3.01
N GLY A 133 -25.24 -10.74 2.03
CA GLY A 133 -25.11 -11.82 1.06
C GLY A 133 -24.09 -11.58 -0.03
N ASN A 134 -23.92 -12.58 -0.89
CA ASN A 134 -22.98 -12.53 -2.00
C ASN A 134 -23.26 -11.35 -2.95
N LEU A 135 -22.21 -10.69 -3.40
CA LEU A 135 -22.33 -9.63 -4.40
C LEU A 135 -21.45 -9.93 -5.60
N GLY A 136 -21.78 -9.33 -6.73
CA GLY A 136 -21.10 -9.58 -7.99
C GLY A 136 -21.83 -10.61 -8.85
N ALA A 137 -21.09 -11.15 -9.83
CA ALA A 137 -21.64 -12.06 -10.84
C ALA A 137 -20.95 -13.41 -10.72
N VAL A 138 -21.74 -14.47 -10.58
CA VAL A 138 -21.17 -15.82 -10.34
C VAL A 138 -21.58 -16.81 -11.45
N LEU A 139 -20.59 -17.36 -12.15
CA LEU A 139 -20.80 -18.40 -13.18
C LEU A 139 -21.01 -19.74 -12.53
N ASN A 140 -21.91 -20.54 -13.10
CA ASN A 140 -22.02 -21.95 -12.74
C ASN A 140 -20.89 -22.73 -13.42
N GLN A 141 -20.79 -24.03 -13.14
CA GLN A 141 -19.66 -24.83 -13.61
C GLN A 141 -19.45 -24.82 -15.12
N ASP A 142 -20.52 -24.90 -15.90
CA ASP A 142 -20.40 -24.98 -17.36
C ASP A 142 -20.67 -23.63 -18.06
N GLY A 143 -20.79 -22.58 -17.27
CA GLY A 143 -20.99 -21.23 -17.81
C GLY A 143 -22.33 -20.97 -18.48
N SER A 144 -23.28 -21.87 -18.29
CA SER A 144 -24.60 -21.74 -18.91
C SER A 144 -25.48 -20.70 -18.21
N LYS A 145 -25.22 -20.47 -16.93
CA LYS A 145 -25.94 -19.44 -16.19
C LYS A 145 -25.00 -18.52 -15.44
N VAL A 146 -25.51 -17.36 -15.07
CA VAL A 146 -24.84 -16.46 -14.13
C VAL A 146 -25.86 -15.96 -13.09
N GLU A 147 -25.48 -15.97 -11.81
CA GLU A 147 -26.25 -15.30 -10.75
C GLU A 147 -25.59 -13.94 -10.46
N ALA A 148 -26.29 -12.85 -10.74
CA ALA A 148 -25.71 -11.51 -10.66
C ALA A 148 -26.41 -10.61 -9.64
N SER A 149 -25.62 -10.00 -8.75
CA SER A 149 -26.14 -9.09 -7.72
C SER A 149 -25.44 -7.73 -7.79
N LEU A 150 -26.20 -6.66 -7.53
CA LEU A 150 -25.66 -5.30 -7.40
C LEU A 150 -26.40 -4.52 -6.33
N TRP A 151 -25.65 -3.85 -5.46
CA TRP A 151 -26.22 -3.07 -4.39
C TRP A 151 -26.39 -1.61 -4.84
N SER A 152 -27.64 -1.15 -4.89
CA SER A 152 -27.96 0.24 -5.22
C SER A 152 -29.38 0.54 -4.76
N PRO A 153 -29.55 0.81 -3.46
CA PRO A 153 -30.89 0.91 -2.88
C PRO A 153 -31.74 2.07 -3.37
N SER A 154 -31.14 3.13 -3.90
CA SER A 154 -31.93 4.28 -4.38
C SER A 154 -32.09 4.31 -5.91
N ALA A 155 -31.81 3.20 -6.58
CA ALA A 155 -32.01 3.10 -8.04
C ALA A 155 -33.50 2.93 -8.38
N ASP A 156 -33.94 3.60 -9.44
CA ASP A 156 -35.30 3.38 -9.96
C ASP A 156 -35.36 2.05 -10.72
N SER A 157 -34.30 1.77 -11.48
CA SER A 157 -34.17 0.52 -12.21
C SER A 157 -32.70 0.25 -12.43
N VAL A 158 -32.37 -1.01 -12.69
CA VAL A 158 -31.00 -1.42 -12.95
C VAL A 158 -30.99 -2.43 -14.10
N THR A 159 -30.46 -2.02 -15.24
CA THR A 159 -30.33 -2.90 -16.39
C THR A 159 -28.86 -3.30 -16.57
N MET A 160 -28.61 -4.59 -16.79
CA MET A 160 -27.28 -5.07 -17.17
C MET A 160 -27.17 -4.92 -18.68
N ILE A 161 -26.01 -4.46 -19.14
CA ILE A 161 -25.72 -4.39 -20.56
C ILE A 161 -24.60 -5.38 -20.81
N ILE A 162 -24.76 -6.27 -21.78
CA ILE A 162 -23.77 -7.33 -22.02
C ILE A 162 -23.07 -7.13 -23.38
N TYR A 163 -21.73 -7.28 -23.38
CA TYR A 163 -20.92 -6.98 -24.55
C TYR A 163 -20.13 -8.20 -25.03
N ASP A 164 -19.81 -8.24 -26.32
CA ASP A 164 -19.22 -9.42 -26.95
C ASP A 164 -17.86 -9.73 -26.35
N LYS A 165 -17.65 -11.01 -26.03
CA LYS A 165 -16.35 -11.50 -25.53
C LYS A 165 -15.21 -11.27 -26.52
N ASP A 166 -15.53 -11.41 -27.81
CA ASP A 166 -14.54 -11.26 -28.88
C ASP A 166 -14.51 -9.83 -29.44
N ASN A 167 -15.35 -8.95 -28.91
CA ASN A 167 -15.33 -7.53 -29.25
C ASN A 167 -16.14 -6.74 -28.23
N GLN A 168 -15.45 -6.12 -27.27
CA GLN A 168 -16.09 -5.52 -26.11
C GLN A 168 -16.97 -4.30 -26.43
N ASN A 169 -16.77 -3.70 -27.59
CA ASN A 169 -17.56 -2.54 -28.00
C ASN A 169 -18.96 -2.91 -28.47
N ARG A 170 -19.12 -4.14 -28.96
CA ARG A 170 -20.41 -4.60 -29.48
C ARG A 170 -21.35 -5.06 -28.36
N VAL A 171 -22.51 -4.40 -28.26
CA VAL A 171 -23.54 -4.77 -27.30
C VAL A 171 -24.30 -6.01 -27.77
N VAL A 172 -24.31 -7.06 -26.96
CA VAL A 172 -24.91 -8.33 -27.33
C VAL A 172 -26.32 -8.54 -26.75
N ALA A 173 -26.56 -8.05 -25.54
CA ALA A 173 -27.83 -8.27 -24.84
C ALA A 173 -28.01 -7.34 -23.63
N THR A 174 -29.24 -7.26 -23.14
CA THR A 174 -29.57 -6.50 -21.93
C THR A 174 -30.66 -7.22 -21.11
N THR A 175 -30.73 -6.94 -19.81
CA THR A 175 -31.73 -7.56 -18.94
C THR A 175 -32.02 -6.66 -17.75
N PRO A 176 -33.30 -6.49 -17.38
CA PRO A 176 -33.58 -5.74 -16.17
C PRO A 176 -33.34 -6.62 -14.95
N LEU A 177 -32.92 -6.01 -13.85
CA LEU A 177 -32.70 -6.73 -12.59
C LEU A 177 -33.87 -6.46 -11.64
N VAL A 178 -34.07 -7.37 -10.71
CA VAL A 178 -35.15 -7.26 -9.72
C VAL A 178 -34.59 -6.91 -8.36
N LYS A 179 -35.07 -5.82 -7.78
CA LYS A 179 -34.62 -5.31 -6.49
C LYS A 179 -35.25 -6.08 -5.34
N ASN A 180 -34.42 -6.54 -4.39
CA ASN A 180 -34.91 -7.23 -3.19
C ASN A 180 -35.25 -6.24 -2.07
N ASN A 181 -35.47 -6.74 -0.86
CA ASN A 181 -35.83 -5.89 0.29
C ASN A 181 -34.73 -4.91 0.68
N LYS A 182 -33.48 -5.34 0.62
CA LYS A 182 -32.34 -4.54 1.08
C LYS A 182 -31.65 -3.71 -0.02
N GLY A 183 -32.33 -3.52 -1.15
CA GLY A 183 -31.79 -2.71 -2.25
C GLY A 183 -30.75 -3.40 -3.10
N VAL A 184 -30.72 -4.74 -3.07
CA VAL A 184 -29.86 -5.51 -3.96
C VAL A 184 -30.63 -5.88 -5.22
N TRP A 185 -30.03 -5.56 -6.36
CA TRP A 185 -30.61 -5.87 -7.66
C TRP A 185 -30.06 -7.19 -8.15
N GLN A 186 -30.94 -8.11 -8.51
CA GLN A 186 -30.55 -9.47 -8.86
C GLN A 186 -31.10 -9.93 -10.22
N THR A 187 -30.44 -10.92 -10.80
CA THR A 187 -30.92 -11.56 -12.02
C THR A 187 -30.21 -12.90 -12.23
N ILE A 188 -30.82 -13.76 -13.02
CA ILE A 188 -30.16 -14.98 -13.43
C ILE A 188 -30.10 -14.99 -14.95
N LEU A 189 -28.88 -14.88 -15.47
CA LEU A 189 -28.63 -14.95 -16.90
C LEU A 189 -28.66 -16.40 -17.32
N ASP A 190 -29.36 -16.68 -18.42
CA ASP A 190 -29.49 -18.05 -18.91
C ASP A 190 -29.90 -18.03 -20.40
N THR A 191 -30.42 -19.16 -20.89
CA THR A 191 -30.82 -19.30 -22.29
C THR A 191 -31.64 -18.15 -22.89
N LYS A 192 -32.46 -17.51 -22.06
CA LYS A 192 -33.37 -16.45 -22.51
C LYS A 192 -32.69 -15.31 -23.27
N LEU A 193 -31.43 -15.03 -22.95
CA LEU A 193 -30.68 -13.97 -23.62
C LEU A 193 -29.94 -14.46 -24.89
N GLY A 194 -30.07 -15.74 -25.22
CA GLY A 194 -29.51 -16.27 -26.47
C GLY A 194 -28.04 -16.68 -26.42
N ILE A 195 -27.44 -16.64 -25.23
CA ILE A 195 -26.05 -17.04 -25.05
C ILE A 195 -25.99 -18.34 -24.25
N LYS A 196 -25.25 -19.33 -24.75
CA LYS A 196 -25.18 -20.63 -24.10
C LYS A 196 -24.03 -20.75 -23.10
N ASN A 197 -22.99 -19.93 -23.29
CA ASN A 197 -21.85 -19.88 -22.40
C ASN A 197 -21.43 -18.43 -22.21
N TYR A 198 -21.52 -17.96 -20.96
CA TYR A 198 -21.28 -16.56 -20.64
C TYR A 198 -19.82 -16.25 -20.31
N THR A 199 -18.97 -17.29 -20.19
CA THR A 199 -17.59 -17.07 -19.78
C THR A 199 -16.91 -16.13 -20.77
N GLY A 200 -16.21 -15.14 -20.26
CA GLY A 200 -15.50 -14.19 -21.11
C GLY A 200 -16.33 -13.03 -21.67
N TYR A 201 -17.66 -13.09 -21.54
CA TYR A 201 -18.50 -11.96 -21.97
C TYR A 201 -18.37 -10.83 -20.96
N TYR A 202 -18.61 -9.61 -21.40
CA TYR A 202 -18.40 -8.45 -20.55
C TYR A 202 -19.71 -7.78 -20.22
N TYR A 203 -19.74 -7.01 -19.14
CA TYR A 203 -20.95 -6.32 -18.75
C TYR A 203 -20.75 -4.98 -18.06
N LEU A 204 -21.79 -4.16 -18.14
CA LEU A 204 -21.90 -2.90 -17.40
C LEU A 204 -23.31 -2.84 -16.85
N TYR A 205 -23.55 -1.93 -15.92
CA TYR A 205 -24.88 -1.74 -15.35
C TYR A 205 -25.35 -0.32 -15.64
N GLU A 206 -26.46 -0.20 -16.36
CA GLU A 206 -27.13 1.09 -16.53
C GLU A 206 -28.09 1.25 -15.36
N ILE A 207 -27.99 2.40 -14.67
CA ILE A 207 -28.76 2.67 -13.46
C ILE A 207 -29.57 3.96 -13.64
N LYS A 208 -30.88 3.86 -13.49
CA LYS A 208 -31.77 5.01 -13.65
C LYS A 208 -32.13 5.62 -12.29
N ARG A 209 -32.07 6.94 -12.23
CA ARG A 209 -32.47 7.70 -11.05
C ARG A 209 -33.01 9.06 -11.52
N GLY A 210 -34.33 9.23 -11.46
CA GLY A 210 -34.98 10.41 -12.01
C GLY A 210 -35.16 10.27 -13.51
N ASP A 212 -31.93 9.69 -14.62
CA ASP A 212 -30.57 9.79 -15.11
C ASP A 212 -29.95 8.42 -15.30
N LYS A 213 -29.74 8.04 -16.57
CA LYS A 213 -29.06 6.80 -16.87
C LYS A 213 -27.54 7.00 -16.77
N VAL A 214 -26.89 6.14 -15.99
CA VAL A 214 -25.43 6.14 -15.91
C VAL A 214 -24.92 4.70 -15.92
N LYS A 215 -23.86 4.45 -16.67
CA LYS A 215 -23.31 3.11 -16.82
C LYS A 215 -22.16 2.95 -15.84
N ILE A 216 -22.15 1.84 -15.10
CA ILE A 216 -21.21 1.64 -14.01
C ILE A 216 -20.55 0.25 -14.01
N LEU A 217 -19.45 0.17 -13.26
CA LEU A 217 -18.61 -1.02 -13.19
C LEU A 217 -18.95 -1.77 -11.91
N ASP A 218 -19.50 -2.98 -12.05
CA ASP A 218 -19.71 -3.88 -10.91
C ASP A 218 -18.50 -3.82 -9.99
N PRO A 219 -18.68 -3.27 -8.76
CA PRO A 219 -17.53 -3.18 -7.87
C PRO A 219 -16.98 -4.53 -7.41
N TYR A 220 -17.77 -5.60 -7.54
CA TYR A 220 -17.26 -6.95 -7.23
C TYR A 220 -16.80 -7.69 -8.49
N ALA A 221 -16.60 -6.94 -9.58
CA ALA A 221 -16.11 -7.51 -10.83
C ALA A 221 -14.84 -8.32 -10.58
N LYS A 222 -14.84 -9.58 -11.03
CA LYS A 222 -13.74 -10.49 -10.75
C LYS A 222 -12.67 -10.46 -11.84
N SER A 223 -13.04 -9.97 -13.01
CA SER A 223 -12.05 -9.62 -14.03
C SER A 223 -12.65 -8.57 -14.95
N LEU A 224 -11.90 -8.13 -15.95
CA LEU A 224 -12.35 -7.08 -16.86
C LEU A 224 -11.94 -7.33 -18.31
N ALA A 225 -12.57 -6.57 -19.21
CA ALA A 225 -12.14 -6.52 -20.60
C ALA A 225 -10.79 -5.82 -20.63
N GLU A 226 -10.03 -6.04 -21.69
CA GLU A 226 -8.81 -5.27 -21.89
C GLU A 226 -9.16 -3.77 -21.78
N TRP A 227 -8.37 -3.02 -21.02
CA TRP A 227 -8.73 -1.63 -20.67
C TRP A 227 -7.73 -0.60 -21.20
N ASP A 228 -8.27 0.42 -21.85
CA ASP A 228 -7.49 1.56 -22.32
C ASP A 228 -8.25 2.81 -21.88
N SER A 229 -7.64 3.59 -20.98
CA SER A 229 -8.29 4.81 -20.49
C SER A 229 -8.53 5.86 -21.58
N ASN A 230 -7.86 5.72 -22.73
CA ASN A 230 -8.12 6.60 -23.88
C ASN A 230 -9.48 6.37 -24.56
N THR A 231 -10.13 5.24 -24.27
CA THR A 231 -11.46 4.95 -24.79
C THR A 231 -12.58 5.62 -23.97
N VAL A 232 -12.24 6.19 -22.82
CA VAL A 232 -13.25 6.85 -21.99
C VAL A 232 -14.04 7.87 -22.79
N ASN A 233 -15.36 7.90 -22.60
CA ASN A 233 -16.21 8.98 -23.11
C ASN A 233 -17.24 9.36 -22.05
N ASP A 234 -18.28 10.08 -22.46
CA ASP A 234 -19.34 10.52 -21.56
C ASP A 234 -20.25 9.35 -21.15
N ASP A 235 -20.48 8.43 -22.08
CA ASP A 235 -21.39 7.29 -21.88
C ASP A 235 -20.74 6.15 -21.07
N ILE A 236 -19.67 5.56 -21.59
CA ILE A 236 -18.91 4.55 -20.85
C ILE A 236 -17.65 5.18 -20.28
N LYS A 237 -17.60 5.29 -18.95
CA LYS A 237 -16.51 5.96 -18.24
C LYS A 237 -15.55 4.99 -17.54
N THR A 238 -15.78 3.68 -17.71
CA THR A 238 -15.06 2.68 -16.95
C THR A 238 -14.73 1.42 -17.76
N ALA A 239 -13.93 0.55 -17.19
CA ALA A 239 -13.70 -0.77 -17.77
C ALA A 239 -15.01 -1.53 -17.72
N LYS A 240 -15.14 -2.53 -18.58
CA LYS A 240 -16.31 -3.40 -18.53
C LYS A 240 -15.95 -4.60 -17.68
N ALA A 241 -16.85 -5.02 -16.81
CA ALA A 241 -16.64 -6.21 -15.97
C ALA A 241 -16.69 -7.46 -16.85
N ALA A 242 -16.36 -8.62 -16.29
CA ALA A 242 -16.25 -9.85 -17.07
C ALA A 242 -16.71 -11.11 -16.33
N PHE A 243 -17.40 -11.98 -17.04
CA PHE A 243 -17.86 -13.23 -16.47
C PHE A 243 -16.73 -14.23 -16.46
N VAL A 244 -16.23 -14.51 -15.26
CA VAL A 244 -15.12 -15.46 -15.08
C VAL A 244 -15.35 -16.33 -13.85
N ASN A 245 -14.65 -17.47 -13.81
CA ASN A 245 -14.73 -18.39 -12.68
C ASN A 245 -13.32 -18.69 -12.11
N PRO A 246 -12.85 -17.82 -11.19
CA PRO A 246 -11.51 -17.93 -10.60
C PRO A 246 -11.12 -19.35 -10.14
N SER A 247 -12.03 -20.02 -9.46
CA SER A 247 -11.74 -21.34 -8.86
C SER A 247 -11.25 -22.36 -9.89
N GLN A 248 -11.75 -22.26 -11.11
CA GLN A 248 -11.36 -23.16 -12.18
C GLN A 248 -10.08 -22.72 -12.89
N LEU A 249 -9.52 -21.57 -12.51
CA LEU A 249 -8.32 -21.02 -13.17
C LEU A 249 -7.02 -21.25 -12.38
N GLY A 250 -5.94 -21.45 -13.11
CA GLY A 250 -4.62 -21.64 -12.52
C GLY A 250 -4.46 -22.96 -11.75
N PRO A 251 -3.28 -23.16 -11.15
CA PRO A 251 -2.97 -24.36 -10.37
C PRO A 251 -4.02 -24.68 -9.30
N GLN A 252 -4.65 -25.85 -9.38
CA GLN A 252 -5.71 -26.20 -8.44
C GLN A 252 -5.16 -26.68 -7.08
N ASN A 253 -3.86 -26.95 -7.03
CA ASN A 253 -3.16 -27.24 -5.75
C ASN A 253 -2.51 -26.01 -5.13
N LEU A 254 -2.82 -24.82 -5.65
CA LEU A 254 -2.35 -23.58 -5.03
C LEU A 254 -2.67 -23.61 -3.54
N SER A 255 -1.72 -23.16 -2.73
CA SER A 255 -1.89 -23.09 -1.28
C SER A 255 -0.94 -22.06 -0.75
N PHE A 256 -1.09 -21.72 0.53
CA PHE A 256 -0.31 -20.65 1.13
C PHE A 256 1.17 -21.01 1.22
N ALA A 257 1.99 -20.00 1.52
CA ALA A 257 3.43 -20.17 1.60
C ALA A 257 3.84 -21.22 2.64
N LYS A 258 4.98 -21.86 2.40
CA LYS A 258 5.62 -22.75 3.36
C LYS A 258 7.02 -22.19 3.62
N ILE A 259 7.07 -21.13 4.43
CA ILE A 259 8.32 -20.43 4.73
C ILE A 259 8.99 -21.00 5.99
N ALA A 260 10.26 -21.37 5.87
CA ALA A 260 11.02 -21.86 7.01
C ALA A 260 11.35 -20.71 7.96
N ASN A 261 11.54 -21.04 9.23
CA ASN A 261 11.85 -20.06 10.30
C ASN A 261 10.72 -19.06 10.59
N PHE A 262 9.65 -19.07 9.80
CA PHE A 262 8.63 -18.03 9.87
C PHE A 262 7.61 -18.34 10.96
N LYS A 263 7.73 -17.61 12.08
CA LYS A 263 6.85 -17.78 13.23
C LYS A 263 6.12 -16.49 13.58
N GLY A 264 6.17 -15.50 12.68
CA GLY A 264 5.53 -14.22 12.91
C GLY A 264 6.06 -13.06 12.08
N ARG A 265 5.36 -11.94 12.20
CA ARG A 265 5.72 -10.71 11.47
C ARG A 265 7.17 -10.27 11.69
N GLN A 266 7.71 -10.52 12.87
CA GLN A 266 9.10 -10.20 13.14
C GLN A 266 10.06 -10.99 12.25
N ASP A 267 9.66 -12.18 11.81
CA ASP A 267 10.51 -13.02 10.96
C ASP A 267 10.41 -12.68 9.46
N ALA A 268 9.70 -11.61 9.11
CA ALA A 268 9.47 -11.27 7.71
C ALA A 268 10.53 -10.30 7.18
N VAL A 269 11.11 -10.66 6.04
CA VAL A 269 11.99 -9.76 5.29
C VAL A 269 11.28 -9.49 3.98
N ILE A 270 10.61 -8.34 3.91
CA ILE A 270 9.77 -7.99 2.76
C ILE A 270 10.60 -7.35 1.64
N TYR A 271 10.26 -7.66 0.40
CA TYR A 271 10.96 -7.14 -0.78
C TYR A 271 9.94 -6.49 -1.70
N GLU A 272 9.99 -5.16 -1.80
CA GLU A 272 8.97 -4.40 -2.54
C GLU A 272 9.32 -4.25 -3.99
N ALA A 273 8.55 -4.90 -4.86
CA ALA A 273 8.81 -4.87 -6.31
C ALA A 273 7.58 -4.48 -7.12
N HIS A 274 7.80 -3.69 -8.17
CA HIS A 274 6.79 -3.41 -9.19
C HIS A 274 6.94 -4.43 -10.32
N VAL A 275 5.82 -5.01 -10.76
CA VAL A 275 5.84 -6.10 -11.74
C VAL A 275 6.48 -5.69 -13.09
N ARG A 276 6.22 -4.45 -13.52
CA ARG A 276 6.87 -3.91 -14.71
C ARG A 276 8.38 -3.78 -14.51
N ASP A 277 8.75 -3.02 -13.46
CA ASP A 277 10.15 -2.76 -13.15
C ASP A 277 10.99 -4.02 -13.24
N PHE A 278 10.56 -5.05 -12.52
CA PHE A 278 11.38 -6.23 -12.33
C PHE A 278 11.86 -6.88 -13.63
N THR A 279 11.13 -6.69 -14.73
CA THR A 279 11.56 -7.26 -16.01
C THR A 279 11.45 -6.31 -17.21
N SER A 280 11.47 -5.00 -16.98
CA SER A 280 11.40 -4.03 -18.09
C SER A 280 12.78 -3.72 -18.69
N ASP A 281 13.84 -4.30 -18.14
CA ASP A 281 15.20 -4.04 -18.58
C ASP A 281 15.42 -4.58 -20.01
N GLN A 282 16.05 -3.75 -20.85
CA GLN A 282 16.38 -4.11 -22.23
C GLN A 282 17.28 -5.34 -22.31
N SER A 283 18.20 -5.47 -21.35
CA SER A 283 19.18 -6.56 -21.36
C SER A 283 18.56 -7.97 -21.32
N LEU A 284 17.31 -8.08 -20.88
CA LEU A 284 16.61 -9.37 -20.82
C LEU A 284 15.98 -9.83 -22.15
N ASP A 285 16.29 -9.14 -23.25
CA ASP A 285 15.84 -9.54 -24.60
C ASP A 285 16.14 -11.01 -24.99
N GLY A 286 16.88 -11.74 -24.15
CA GLY A 286 16.95 -13.19 -24.26
C GLY A 286 16.05 -13.88 -23.25
N LYS A 289 11.85 -15.79 -22.22
CA LYS A 289 10.71 -16.61 -22.65
C LYS A 289 9.40 -15.81 -22.68
N ASN A 290 8.95 -15.34 -21.53
CA ASN A 290 7.64 -14.66 -21.43
C ASN A 290 7.69 -13.16 -21.73
N GLN A 291 6.54 -12.60 -22.02
CA GLN A 291 6.45 -11.22 -22.45
C GLN A 291 7.03 -10.26 -21.40
N LEU A 292 7.36 -9.05 -21.83
CA LEU A 292 7.97 -8.04 -20.99
C LEU A 292 7.01 -7.59 -19.89
N GLY A 293 7.52 -7.49 -18.66
CA GLY A 293 6.79 -6.86 -17.56
C GLY A 293 5.45 -7.48 -17.22
N THR A 294 5.41 -8.81 -17.15
CA THR A 294 4.19 -9.55 -16.86
C THR A 294 4.42 -10.49 -15.68
N PHE A 295 3.33 -11.03 -15.13
CA PHE A 295 3.44 -12.04 -14.09
C PHE A 295 4.31 -13.22 -14.56
N ALA A 296 4.11 -13.64 -15.81
CA ALA A 296 4.84 -14.78 -16.40
C ALA A 296 6.34 -14.50 -16.60
N ALA A 297 6.68 -13.24 -16.89
CA ALA A 297 8.07 -12.79 -16.91
C ALA A 297 8.66 -12.77 -15.50
N PHE A 298 7.92 -12.16 -14.57
CA PHE A 298 8.35 -12.04 -13.19
C PHE A 298 8.83 -13.39 -12.62
N SER A 299 8.09 -14.45 -12.90
CA SER A 299 8.41 -15.78 -12.38
C SER A 299 9.79 -16.27 -12.80
N GLU A 300 10.24 -15.86 -13.98
CA GLU A 300 11.55 -16.31 -14.49
C GLU A 300 12.73 -15.76 -13.67
N LYS A 301 12.52 -14.67 -12.94
CA LYS A 301 13.57 -14.08 -12.11
C LYS A 301 13.35 -14.29 -10.60
N LEU A 302 12.57 -15.31 -10.24
CA LEU A 302 12.32 -15.64 -8.83
C LEU A 302 13.53 -16.28 -8.13
N ASP A 303 14.32 -17.06 -8.87
CA ASP A 303 15.49 -17.72 -8.29
C ASP A 303 16.46 -16.69 -7.70
N TYR A 304 16.59 -15.55 -8.38
CA TYR A 304 17.36 -14.44 -7.85
C TYR A 304 16.89 -14.12 -6.44
N LEU A 305 15.60 -13.83 -6.29
CA LEU A 305 15.04 -13.45 -5.00
C LEU A 305 15.12 -14.59 -3.97
N GLN A 306 14.96 -15.84 -4.42
CA GLN A 306 15.19 -17.00 -3.55
C GLN A 306 16.61 -16.97 -2.98
N LYS A 307 17.57 -16.70 -3.85
CA LYS A 307 18.97 -16.60 -3.46
C LYS A 307 19.24 -15.36 -2.59
N LEU A 308 18.59 -14.24 -2.93
CA LEU A 308 18.70 -13.00 -2.13
C LEU A 308 18.26 -13.22 -0.67
N GLY A 309 17.33 -14.16 -0.46
CA GLY A 309 16.96 -14.61 0.88
C GLY A 309 15.70 -14.00 1.46
N VAL A 310 15.08 -13.07 0.73
CA VAL A 310 13.86 -12.41 1.20
C VAL A 310 12.76 -13.45 1.48
N THR A 311 11.87 -13.18 2.44
CA THR A 311 10.78 -14.11 2.76
C THR A 311 9.51 -13.79 1.97
N HIS A 312 9.29 -12.50 1.69
CA HIS A 312 8.07 -12.07 1.02
C HIS A 312 8.37 -11.10 -0.10
N ILE A 313 7.72 -11.31 -1.23
CA ILE A 313 7.76 -10.37 -2.34
C ILE A 313 6.48 -9.54 -2.23
N GLN A 314 6.65 -8.24 -2.02
CA GLN A 314 5.52 -7.33 -1.97
C GLN A 314 5.38 -6.72 -3.34
N LEU A 315 4.22 -6.94 -3.96
CA LEU A 315 3.95 -6.39 -5.30
C LEU A 315 3.14 -5.10 -5.23
N LEU A 316 3.66 -4.05 -5.85
CA LEU A 316 2.90 -2.82 -6.09
C LEU A 316 1.56 -3.14 -6.73
N PRO A 317 0.58 -2.22 -6.60
CA PRO A 317 -0.81 -2.55 -6.93
C PRO A 317 -1.02 -3.36 -8.23
N VAL A 318 -1.41 -4.63 -8.07
CA VAL A 318 -1.75 -5.51 -9.18
C VAL A 318 -3.25 -5.50 -9.50
N LEU A 319 -4.07 -5.00 -8.57
CA LEU A 319 -5.49 -4.76 -8.89
C LEU A 319 -5.61 -3.71 -9.98
N SER A 320 -6.70 -3.78 -10.74
CA SER A 320 -6.90 -2.88 -11.87
C SER A 320 -6.78 -1.43 -11.44
N TYR A 321 -6.00 -0.66 -12.19
CA TYR A 321 -5.89 0.79 -12.05
C TYR A 321 -6.27 1.48 -13.35
N PHE A 322 -6.67 2.74 -13.25
CA PHE A 322 -7.41 3.41 -14.32
C PHE A 322 -6.55 3.93 -15.48
N TYR A 323 -5.54 4.74 -15.21
CA TYR A 323 -4.80 5.42 -16.28
C TYR A 323 -3.76 4.54 -16.99
N VAL A 324 -4.21 3.80 -18.00
CA VAL A 324 -3.35 2.89 -18.74
C VAL A 324 -3.94 2.46 -20.07
N ASN A 325 -3.05 2.03 -20.96
CA ASN A 325 -3.40 1.31 -22.17
C ASN A 325 -2.79 -0.07 -22.04
N GLU A 326 -3.60 -1.05 -21.67
CA GLU A 326 -3.11 -2.41 -21.44
C GLU A 326 -2.75 -3.14 -22.73
N MET A 327 -3.07 -2.53 -23.87
CA MET A 327 -2.70 -3.05 -25.17
C MET A 327 -1.33 -2.55 -25.66
N ASP A 328 -0.74 -1.62 -24.91
CA ASP A 328 0.57 -1.06 -25.25
C ASP A 328 1.63 -1.54 -24.24
N LYS A 329 2.31 -2.63 -24.59
CA LYS A 329 3.34 -3.20 -23.73
C LYS A 329 4.76 -2.74 -24.08
N SER A 330 4.86 -1.83 -25.05
CA SER A 330 6.15 -1.38 -25.58
C SER A 330 6.96 -0.63 -24.52
N ARG A 331 8.27 -0.86 -24.53
CA ARG A 331 9.19 -0.21 -23.60
C ARG A 331 9.36 1.28 -23.93
N SER A 332 9.23 2.11 -22.89
CA SER A 332 9.57 3.53 -22.99
C SER A 332 11.05 3.66 -22.70
N THR A 333 11.81 4.07 -23.71
CA THR A 333 13.27 4.12 -23.62
C THR A 333 13.81 5.52 -23.31
N ALA A 334 13.03 6.56 -23.63
CA ALA A 334 13.39 7.93 -23.29
C ALA A 334 13.28 8.13 -21.78
N TYR A 335 14.19 8.91 -21.21
CA TYR A 335 14.19 9.23 -19.78
C TYR A 335 13.27 10.43 -19.49
N THR A 336 12.11 10.15 -18.90
CA THR A 336 11.10 11.18 -18.61
C THR A 336 10.35 10.86 -17.32
N SER A 337 9.72 11.88 -16.74
CA SER A 337 8.97 11.76 -15.48
C SER A 337 7.49 12.14 -15.63
N SER A 338 6.98 12.15 -16.85
CA SER A 338 5.60 12.51 -17.16
C SER A 338 5.13 11.76 -18.38
N ASP A 339 3.80 11.65 -18.52
CA ASP A 339 3.16 11.14 -19.74
C ASP A 339 3.79 9.84 -20.23
N ASN A 340 3.81 8.85 -19.35
CA ASN A 340 4.25 7.49 -19.67
C ASN A 340 3.12 6.51 -19.34
N ASN A 341 2.91 5.54 -20.21
CA ASN A 341 1.91 4.50 -19.99
C ASN A 341 2.23 3.69 -18.73
N TYR A 342 3.47 3.78 -18.27
CA TYR A 342 3.85 3.30 -16.96
C TYR A 342 2.94 3.89 -15.89
N ASN A 343 2.63 3.07 -14.90
CA ASN A 343 1.84 3.49 -13.76
C ASN A 343 2.15 2.57 -12.59
N TRP A 344 2.45 3.16 -11.43
CA TRP A 344 2.65 2.42 -10.17
C TRP A 344 1.37 1.64 -9.82
N GLY A 345 0.23 2.29 -10.04
CA GLY A 345 -1.06 1.66 -9.84
C GLY A 345 -1.88 2.22 -8.70
N TYR A 346 -1.58 3.47 -8.30
CA TYR A 346 -2.22 4.10 -7.17
C TYR A 346 -3.41 4.98 -7.58
N ASP A 347 -4.10 4.58 -8.67
CA ASP A 347 -5.40 5.18 -9.02
CA ASP A 347 -5.40 5.17 -9.02
C ASP A 347 -6.41 4.04 -9.27
N PRO A 348 -6.97 3.50 -8.19
CA PRO A 348 -7.72 2.25 -8.30
C PRO A 348 -9.02 2.31 -9.10
N GLN A 349 -9.23 1.28 -9.93
CA GLN A 349 -10.46 1.14 -10.70
C GLN A 349 -11.34 0.04 -10.12
N SER A 350 -10.72 -1.06 -9.73
CA SER A 350 -11.43 -2.18 -9.11
C SER A 350 -10.67 -2.65 -7.90
N TYR A 351 -11.39 -3.20 -6.92
CA TYR A 351 -10.76 -3.75 -5.72
C TYR A 351 -10.67 -5.28 -5.72
N PHE A 352 -11.35 -5.92 -6.68
CA PHE A 352 -11.33 -7.39 -6.83
C PHE A 352 -10.70 -7.82 -8.15
N ALA A 353 -10.77 -6.96 -9.16
CA ALA A 353 -10.36 -7.35 -10.52
C ALA A 353 -8.94 -6.92 -10.81
N LEU A 354 -8.13 -7.84 -11.31
CA LEU A 354 -6.73 -7.56 -11.59
C LEU A 354 -6.56 -6.64 -12.80
N SER A 355 -5.42 -5.99 -12.88
CA SER A 355 -5.07 -5.21 -14.04
C SER A 355 -4.69 -6.14 -15.19
N GLY A 356 -5.08 -5.78 -16.40
CA GLY A 356 -4.67 -6.52 -17.58
C GLY A 356 -3.22 -6.29 -17.97
N MET A 357 -2.64 -5.20 -17.46
CA MET A 357 -1.30 -4.76 -17.84
C MET A 357 -0.23 -5.81 -17.61
N TYR A 358 -0.41 -6.68 -16.61
CA TYR A 358 0.61 -7.69 -16.27
C TYR A 358 0.29 -9.08 -16.83
N SER A 359 -0.62 -9.12 -17.80
CA SER A 359 -1.09 -10.35 -18.43
C SER A 359 -0.47 -10.47 -19.82
N GLU A 360 -0.14 -11.68 -20.24
CA GLU A 360 0.29 -11.93 -21.62
C GLU A 360 -0.91 -11.86 -22.59
N LYS A 361 -2.08 -12.29 -22.11
CA LYS A 361 -3.31 -12.26 -22.90
C LYS A 361 -4.36 -11.37 -22.23
N PRO A 362 -4.25 -10.04 -22.36
CA PRO A 362 -5.17 -9.10 -21.69
C PRO A 362 -6.60 -9.12 -22.22
N LYS A 363 -6.80 -9.62 -23.44
CA LYS A 363 -8.13 -9.79 -24.01
C LYS A 363 -8.88 -10.98 -23.42
N ASP A 364 -8.14 -11.97 -22.92
CA ASP A 364 -8.70 -13.10 -22.19
C ASP A 364 -8.80 -12.75 -20.70
N PRO A 365 -10.02 -12.47 -20.20
CA PRO A 365 -10.17 -12.00 -18.82
C PRO A 365 -9.84 -13.09 -17.79
N SER A 366 -9.88 -14.35 -18.20
CA SER A 366 -9.49 -15.46 -17.31
C SER A 366 -7.96 -15.53 -17.10
N ALA A 367 -7.20 -14.99 -18.05
CA ALA A 367 -5.74 -15.15 -18.07
C ALA A 367 -5.06 -14.52 -16.84
N ARG A 368 -5.42 -13.27 -16.54
CA ARG A 368 -4.88 -12.55 -15.36
C ARG A 368 -4.84 -13.46 -14.14
N ILE A 369 -5.99 -14.04 -13.83
CA ILE A 369 -6.18 -14.80 -12.60
C ILE A 369 -5.29 -16.05 -12.61
N ALA A 370 -5.30 -16.79 -13.72
CA ALA A 370 -4.44 -17.97 -13.87
C ALA A 370 -2.96 -17.57 -13.84
N GLU A 371 -2.64 -16.42 -14.43
CA GLU A 371 -1.25 -15.94 -14.47
C GLU A 371 -0.76 -15.55 -13.08
N LEU A 372 -1.53 -14.72 -12.38
CA LEU A 372 -1.13 -14.30 -11.04
C LEU A 372 -1.01 -15.50 -10.09
N LYS A 373 -1.97 -16.42 -10.18
CA LYS A 373 -1.91 -17.69 -9.44
C LYS A 373 -0.66 -18.49 -9.79
N GLN A 374 -0.27 -18.48 -11.06
CA GLN A 374 0.93 -19.18 -11.50
C GLN A 374 2.15 -18.56 -10.85
N LEU A 375 2.21 -17.22 -10.85
CA LEU A 375 3.32 -16.51 -10.23
C LEU A 375 3.39 -16.84 -8.74
N ILE A 376 2.27 -16.71 -8.05
CA ILE A 376 2.20 -16.94 -6.62
C ILE A 376 2.57 -18.38 -6.25
N HIS A 377 2.19 -19.32 -7.12
CA HIS A 377 2.58 -20.71 -6.96
C HIS A 377 4.09 -20.85 -7.09
N ASP A 378 4.65 -20.25 -8.14
CA ASP A 378 6.10 -20.28 -8.38
C ASP A 378 6.88 -19.70 -7.20
N ILE A 379 6.34 -18.66 -6.58
CA ILE A 379 6.95 -18.06 -5.39
C ILE A 379 6.91 -19.02 -4.20
N HIS A 380 5.79 -19.71 -4.03
CA HIS A 380 5.61 -20.64 -2.91
C HIS A 380 6.55 -21.86 -3.00
N LYS A 381 6.80 -22.35 -4.22
CA LYS A 381 7.78 -23.42 -4.45
C LYS A 381 9.22 -22.99 -4.09
N ARG A 382 9.49 -21.69 -4.11
CA ARG A 382 10.80 -21.15 -3.77
C ARG A 382 10.90 -20.83 -2.28
N GLY A 383 9.94 -21.32 -1.50
CA GLY A 383 9.91 -21.12 -0.05
C GLY A 383 9.66 -19.70 0.40
N MET A 384 8.94 -18.92 -0.41
CA MET A 384 8.65 -17.49 -0.15
C MET A 384 7.13 -17.21 -0.14
N GLY A 385 6.75 -15.93 -0.02
CA GLY A 385 5.33 -15.53 -0.03
C GLY A 385 5.06 -14.25 -0.80
N VAL A 386 3.78 -13.94 -1.01
CA VAL A 386 3.38 -12.66 -1.62
C VAL A 386 2.73 -11.74 -0.61
N ILE A 387 2.96 -10.44 -0.79
CA ILE A 387 2.19 -9.39 -0.13
C ILE A 387 1.68 -8.48 -1.26
N LEU A 388 0.37 -8.26 -1.32
CA LEU A 388 -0.19 -7.43 -2.37
C LEU A 388 -0.41 -6.01 -1.81
N ASP A 389 0.17 -5.02 -2.49
CA ASP A 389 -0.12 -3.61 -2.18
C ASP A 389 -1.56 -3.39 -2.60
N VAL A 390 -2.35 -2.84 -1.69
CA VAL A 390 -3.77 -2.58 -1.95
C VAL A 390 -4.10 -1.14 -1.55
N VAL A 391 -4.94 -0.48 -2.34
CA VAL A 391 -5.15 0.99 -2.23
C VAL A 391 -6.61 1.40 -1.97
N TYR A 392 -7.12 1.09 -0.78
CA TYR A 392 -8.53 1.35 -0.48
C TYR A 392 -8.80 2.80 -0.08
N ASN A 393 -7.77 3.51 0.38
CA ASN A 393 -7.94 4.89 0.85
C ASN A 393 -8.66 5.80 -0.16
N HIS A 394 -8.40 5.62 -1.44
CA HIS A 394 -9.10 6.38 -2.47
C HIS A 394 -9.24 5.55 -3.74
N THR A 395 -10.13 6.00 -4.63
CA THR A 395 -10.36 5.39 -5.94
C THR A 395 -9.93 6.35 -7.05
N ALA A 396 -9.72 5.83 -8.26
CA ALA A 396 -9.28 6.65 -9.40
C ALA A 396 -10.22 7.83 -9.70
N LYS A 397 -11.53 7.54 -9.77
CA LYS A 397 -12.56 8.53 -10.08
C LYS A 397 -13.69 8.42 -9.08
N THR A 398 -14.10 9.55 -8.52
CA THR A 398 -15.24 9.61 -7.61
C THR A 398 -16.47 8.95 -8.21
N TYR A 399 -16.70 9.15 -9.50
CA TYR A 399 -17.88 8.57 -10.14
C TYR A 399 -17.91 7.02 -10.09
N LEU A 400 -16.77 6.36 -9.94
CA LEU A 400 -16.75 4.90 -9.88
C LEU A 400 -17.78 4.31 -8.91
N PHE A 401 -17.84 4.87 -7.71
CA PHE A 401 -18.81 4.43 -6.70
C PHE A 401 -19.97 5.41 -6.52
N GLU A 402 -19.77 6.69 -6.79
CA GLU A 402 -20.84 7.68 -6.61
C GLU A 402 -21.97 7.49 -7.62
N ASP A 403 -21.63 7.08 -8.84
CA ASP A 403 -22.66 6.72 -9.82
C ASP A 403 -23.53 5.55 -9.36
N ILE A 404 -22.95 4.59 -8.66
CA ILE A 404 -23.70 3.39 -8.24
C ILE A 404 -24.75 3.74 -7.20
N GLU A 405 -24.33 4.48 -6.18
CA GLU A 405 -25.23 4.95 -5.12
C GLU A 405 -24.70 6.28 -4.63
N PRO A 406 -25.38 7.40 -4.94
CA PRO A 406 -24.89 8.69 -4.48
C PRO A 406 -24.99 8.80 -2.96
N ASN A 407 -24.10 9.61 -2.38
CA ASN A 407 -24.14 9.88 -0.96
C ASN A 407 -24.11 8.61 -0.13
N TYR A 408 -23.09 7.78 -0.33
CA TYR A 408 -22.91 6.62 0.54
C TYR A 408 -21.49 6.11 0.67
N TYR A 409 -20.92 5.67 -0.44
CA TYR A 409 -19.67 4.89 -0.43
C TYR A 409 -18.45 5.68 0.06
N HIS A 410 -18.42 6.98 -0.23
CA HIS A 410 -17.28 7.81 0.13
C HIS A 410 -17.47 8.44 1.50
N PHE A 411 -16.38 8.83 2.14
CA PHE A 411 -16.46 9.72 3.29
C PHE A 411 -17.13 11.00 2.79
N MET A 412 -17.84 11.68 3.68
CA MET A 412 -18.73 12.76 3.26
C MET A 412 -18.54 14.04 4.06
N ASN A 413 -18.93 15.14 3.45
CA ASN A 413 -19.10 16.40 4.14
C ASN A 413 -20.53 16.41 4.69
N GLU A 414 -20.83 17.36 5.57
CA GLU A 414 -22.15 17.39 6.25
C GLU A 414 -23.34 17.59 5.30
N ASP A 415 -23.06 18.07 4.08
CA ASP A 415 -24.10 18.29 3.07
C ASP A 415 -24.32 17.11 2.10
N GLY A 416 -23.62 15.99 2.34
CA GLY A 416 -23.74 14.81 1.48
C GLY A 416 -22.67 14.73 0.41
N SER A 417 -22.02 15.85 0.13
CA SER A 417 -20.98 15.92 -0.89
C SER A 417 -19.83 14.95 -0.55
N PRO A 418 -19.35 14.20 -1.54
CA PRO A 418 -18.29 13.23 -1.26
C PRO A 418 -16.94 13.90 -1.10
N ARG A 419 -16.18 13.50 -0.08
CA ARG A 419 -14.80 13.94 0.09
C ARG A 419 -13.90 13.23 -0.91
N GLU A 420 -12.94 13.98 -1.46
CA GLU A 420 -12.13 13.51 -2.58
C GLU A 420 -10.64 13.61 -2.32
N SER A 421 -9.90 12.82 -3.09
CA SER A 421 -8.45 12.73 -3.00
C SER A 421 -7.93 12.27 -4.37
N PHE A 422 -7.08 13.09 -4.98
CA PHE A 422 -6.44 12.76 -6.28
C PHE A 422 -7.39 12.86 -7.48
N GLY A 423 -8.41 13.74 -7.42
CA GLY A 423 -9.50 13.69 -8.40
C GLY A 423 -10.22 12.35 -8.34
N GLY A 424 -10.26 11.79 -7.14
CA GLY A 424 -10.79 10.46 -6.89
C GLY A 424 -11.51 10.42 -5.55
N GLY A 425 -12.30 9.37 -5.35
CA GLY A 425 -13.17 9.28 -4.17
C GLY A 425 -12.46 8.69 -2.97
N ARG A 426 -12.72 9.26 -1.80
CA ARG A 426 -12.25 8.70 -0.53
C ARG A 426 -13.24 7.64 -0.06
N LEU A 427 -12.88 6.36 -0.16
CA LEU A 427 -13.78 5.28 0.26
C LEU A 427 -14.02 5.31 1.78
N GLY A 428 -15.24 5.64 2.19
CA GLY A 428 -15.56 5.80 3.61
C GLY A 428 -15.81 4.47 4.30
N THR A 429 -14.72 3.82 4.75
CA THR A 429 -14.80 2.45 5.24
C THR A 429 -15.37 2.25 6.66
N THR A 430 -15.98 3.30 7.23
CA THR A 430 -16.85 3.17 8.41
C THR A 430 -18.26 2.76 7.98
N HIS A 431 -18.56 2.93 6.69
CA HIS A 431 -19.88 2.63 6.14
C HIS A 431 -19.94 1.16 5.73
N ALA A 432 -21.01 0.49 6.13
CA ALA A 432 -21.07 -0.97 6.10
C ALA A 432 -20.68 -1.58 4.73
N MET A 433 -21.25 -1.06 3.66
CA MET A 433 -20.99 -1.64 2.34
C MET A 433 -19.66 -1.17 1.74
N SER A 434 -19.12 -0.06 2.23
CA SER A 434 -17.76 0.35 1.89
C SER A 434 -16.77 -0.55 2.61
N ARG A 435 -17.06 -0.85 3.87
CA ARG A 435 -16.25 -1.80 4.64
C ARG A 435 -16.24 -3.17 3.96
N ARG A 436 -17.40 -3.60 3.48
CA ARG A 436 -17.51 -4.87 2.76
C ARG A 436 -16.62 -4.91 1.53
N VAL A 437 -16.58 -3.82 0.77
CA VAL A 437 -15.72 -3.79 -0.41
C VAL A 437 -14.27 -4.12 -0.03
N LEU A 438 -13.81 -3.55 1.07
CA LEU A 438 -12.45 -3.77 1.57
C LEU A 438 -12.30 -5.19 2.13
N VAL A 439 -13.13 -5.55 3.11
CA VAL A 439 -13.00 -6.85 3.76
C VAL A 439 -13.26 -8.02 2.80
N ASP A 440 -14.27 -7.90 1.94
CA ASP A 440 -14.59 -8.97 0.99
C ASP A 440 -13.45 -9.17 -0.04
N SER A 441 -12.83 -8.08 -0.48
CA SER A 441 -11.69 -8.16 -1.40
C SER A 441 -10.47 -8.75 -0.73
N ILE A 442 -10.19 -8.33 0.50
CA ILE A 442 -9.13 -8.95 1.29
C ILE A 442 -9.41 -10.45 1.39
N LYS A 443 -10.63 -10.81 1.77
CA LYS A 443 -11.02 -12.21 1.92
C LYS A 443 -10.85 -12.98 0.62
N TYR A 444 -11.32 -12.38 -0.46
CA TYR A 444 -11.25 -12.99 -1.78
C TYR A 444 -9.81 -13.19 -2.26
N LEU A 445 -9.00 -12.13 -2.18
CA LEU A 445 -7.61 -12.24 -2.58
C LEU A 445 -6.85 -13.26 -1.72
N THR A 446 -7.14 -13.29 -0.43
CA THR A 446 -6.49 -14.21 0.48
C THR A 446 -6.84 -15.67 0.14
N SER A 447 -8.13 -15.92 -0.08
CA SER A 447 -8.62 -17.27 -0.30
C SER A 447 -8.45 -17.76 -1.74
N GLU A 448 -8.62 -16.88 -2.72
CA GLU A 448 -8.56 -17.28 -4.14
C GLU A 448 -7.13 -17.31 -4.71
N PHE A 449 -6.29 -16.38 -4.29
CA PHE A 449 -4.92 -16.30 -4.80
C PHE A 449 -3.88 -16.79 -3.80
N LYS A 450 -4.34 -17.30 -2.65
CA LYS A 450 -3.47 -17.75 -1.57
C LYS A 450 -2.43 -16.71 -1.17
N VAL A 451 -2.86 -15.45 -1.16
CA VAL A 451 -2.00 -14.32 -0.83
C VAL A 451 -1.64 -14.37 0.65
N ASP A 452 -0.37 -14.13 0.96
CA ASP A 452 0.17 -14.32 2.30
C ASP A 452 0.17 -13.04 3.14
N GLY A 453 -0.02 -11.89 2.49
CA GLY A 453 -0.07 -10.63 3.21
C GLY A 453 -0.52 -9.45 2.37
N PHE A 454 -0.74 -8.31 3.03
CA PHE A 454 -1.17 -7.09 2.36
C PHE A 454 -0.46 -5.87 2.95
N ARG A 455 -0.17 -4.92 2.07
CA ARG A 455 0.42 -3.67 2.44
C ARG A 455 -0.62 -2.61 2.09
N PHE A 456 -1.16 -1.93 3.11
CA PHE A 456 -2.18 -0.89 2.90
C PHE A 456 -1.57 0.48 2.61
N ASP A 457 -1.88 1.01 1.43
CA ASP A 457 -1.52 2.38 1.10
C ASP A 457 -2.30 3.34 1.98
N MET A 458 -1.65 4.41 2.44
CA MET A 458 -2.24 5.44 3.28
C MET A 458 -3.22 4.81 4.25
N MET A 459 -2.72 3.91 5.09
CA MET A 459 -3.61 3.17 5.97
C MET A 459 -4.31 4.10 6.97
N GLY A 460 -3.66 5.20 7.32
CA GLY A 460 -4.20 6.14 8.28
C GLY A 460 -5.44 6.88 7.78
N ASP A 461 -5.77 6.70 6.50
CA ASP A 461 -7.02 7.23 6.00
C ASP A 461 -8.24 6.44 6.48
N HIS A 462 -8.03 5.19 6.91
CA HIS A 462 -9.12 4.33 7.35
C HIS A 462 -9.29 4.33 8.84
N ASP A 463 -10.51 4.01 9.26
CA ASP A 463 -10.81 3.67 10.63
C ASP A 463 -10.10 2.38 11.03
N ALA A 464 -9.59 2.35 12.26
CA ALA A 464 -8.98 1.15 12.85
C ALA A 464 -9.89 -0.06 12.71
N ALA A 465 -11.19 0.15 12.93
CA ALA A 465 -12.15 -0.95 12.95
C ALA A 465 -12.19 -1.69 11.63
N ALA A 466 -12.19 -0.95 10.52
CA ALA A 466 -12.23 -1.57 9.20
C ALA A 466 -11.00 -2.48 8.97
N ILE A 467 -9.82 -1.96 9.32
CA ILE A 467 -8.58 -2.70 9.09
C ILE A 467 -8.46 -3.89 10.03
N GLU A 468 -8.89 -3.71 11.28
CA GLU A 468 -8.89 -4.78 12.28
C GLU A 468 -9.73 -5.96 11.79
N LEU A 469 -10.95 -5.67 11.35
CA LEU A 469 -11.82 -6.69 10.78
C LEU A 469 -11.18 -7.33 9.54
N ALA A 470 -10.58 -6.50 8.68
CA ALA A 470 -9.86 -6.99 7.51
C ALA A 470 -8.81 -8.03 7.90
N TYR A 471 -7.98 -7.69 8.88
CA TYR A 471 -6.96 -8.60 9.39
C TYR A 471 -7.59 -9.88 9.95
N LYS A 472 -8.49 -9.72 10.92
CA LYS A 472 -9.18 -10.84 11.55
C LYS A 472 -9.72 -11.85 10.52
N GLU A 473 -10.43 -11.34 9.52
CA GLU A 473 -10.99 -12.19 8.45
C GLU A 473 -9.92 -12.87 7.63
N ALA A 474 -8.89 -12.11 7.26
CA ALA A 474 -7.80 -12.63 6.45
C ALA A 474 -7.02 -13.69 7.21
N LYS A 475 -6.84 -13.46 8.51
CA LYS A 475 -6.12 -14.39 9.39
C LYS A 475 -6.95 -15.65 9.60
N ALA A 476 -8.27 -15.49 9.74
CA ALA A 476 -9.19 -16.62 9.81
C ALA A 476 -8.96 -17.59 8.67
N ILE A 477 -8.79 -17.07 7.44
CA ILE A 477 -8.49 -17.90 6.27
C ILE A 477 -7.06 -18.45 6.31
N ASN A 478 -6.10 -17.56 6.54
CA ASN A 478 -4.69 -17.90 6.58
C ASN A 478 -4.10 -17.54 7.93
N PRO A 479 -3.85 -18.54 8.79
CA PRO A 479 -3.26 -18.28 10.12
C PRO A 479 -1.97 -17.48 10.08
N ASN A 480 -1.14 -17.73 9.07
CA ASN A 480 0.12 -17.00 8.88
C ASN A 480 -0.05 -15.64 8.15
N MET A 481 -1.25 -15.06 8.19
CA MET A 481 -1.50 -13.79 7.52
C MET A 481 -0.63 -12.71 8.16
N ILE A 482 -0.01 -11.90 7.30
CA ILE A 482 0.78 -10.76 7.73
C ILE A 482 0.29 -9.50 7.03
N MET A 483 0.11 -8.43 7.80
CA MET A 483 -0.37 -7.16 7.23
C MET A 483 0.50 -6.01 7.69
N ILE A 484 0.90 -5.17 6.75
CA ILE A 484 1.56 -3.91 7.09
C ILE A 484 0.80 -2.77 6.41
N GLY A 485 1.17 -1.53 6.72
CA GLY A 485 0.58 -0.38 6.03
C GLY A 485 1.25 0.94 6.37
N GLU A 486 1.02 1.95 5.54
CA GLU A 486 1.49 3.30 5.82
C GLU A 486 0.58 3.92 6.87
N GLY A 487 1.08 4.07 8.10
CA GLY A 487 0.29 4.64 9.21
C GLY A 487 0.42 6.14 9.41
N TRP A 488 0.60 6.90 8.33
CA TRP A 488 0.72 8.35 8.46
C TRP A 488 -0.58 8.97 9.00
N ARG A 489 -0.47 9.89 9.94
CA ARG A 489 -1.65 10.55 10.54
C ARG A 489 -2.32 11.50 9.56
N THR A 490 -3.12 10.92 8.68
CA THR A 490 -3.76 11.61 7.56
C THR A 490 -5.29 11.58 7.62
N PHE A 491 -5.85 10.90 8.64
CA PHE A 491 -7.29 10.67 8.71
C PHE A 491 -8.17 11.92 8.49
N GLN A 492 -9.18 11.77 7.64
CA GLN A 492 -10.16 12.82 7.34
C GLN A 492 -11.56 12.40 7.77
N GLY A 493 -12.02 11.25 7.25
CA GLY A 493 -13.29 10.67 7.63
C GLY A 493 -14.49 11.51 7.23
N ASP A 494 -15.62 11.23 7.86
CA ASP A 494 -16.84 12.04 7.66
C ASP A 494 -16.68 13.30 8.50
N GLN A 495 -17.10 14.43 7.92
CA GLN A 495 -16.82 15.75 8.51
C GLN A 495 -16.89 15.83 10.03
N GLY A 496 -18.10 15.71 10.59
CA GLY A 496 -18.27 15.88 12.03
C GLY A 496 -18.22 14.61 12.85
N LYS A 497 -17.67 13.53 12.28
CA LYS A 497 -17.69 12.21 12.92
C LYS A 497 -16.29 11.61 13.02
N PRO A 498 -15.54 11.97 14.07
CA PRO A 498 -14.21 11.41 14.29
C PRO A 498 -14.25 9.93 14.71
N VAL A 499 -13.18 9.21 14.39
CA VAL A 499 -13.03 7.78 14.68
C VAL A 499 -11.56 7.47 14.83
N LYS A 500 -11.23 6.39 15.54
CA LYS A 500 -9.84 5.96 15.65
C LYS A 500 -9.34 5.58 14.26
N PRO A 501 -8.21 6.15 13.83
CA PRO A 501 -7.67 5.75 12.54
C PRO A 501 -6.68 4.59 12.61
N ALA A 502 -6.47 3.94 11.46
CA ALA A 502 -5.49 2.85 11.33
C ALA A 502 -4.12 3.41 11.03
N ASP A 503 -3.57 4.18 11.97
CA ASP A 503 -2.29 4.88 11.78
C ASP A 503 -1.31 4.52 12.90
N GLN A 504 -0.17 5.20 12.94
CA GLN A 504 0.88 4.91 13.89
C GLN A 504 0.41 4.86 15.35
N ASP A 505 -0.52 5.74 15.73
CA ASP A 505 -0.99 5.80 17.12
C ASP A 505 -1.89 4.62 17.51
N TRP A 506 -2.34 3.88 16.50
CA TRP A 506 -3.12 2.65 16.67
C TRP A 506 -2.25 1.49 17.19
N MET A 507 -0.93 1.60 17.01
CA MET A 507 -0.01 0.54 17.39
C MET A 507 0.01 0.22 18.89
N LYS A 508 -0.33 1.19 19.73
CA LYS A 508 -0.50 0.97 21.19
C LYS A 508 -1.51 -0.14 21.45
N SER A 509 -2.61 -0.10 20.71
CA SER A 509 -3.80 -0.89 20.99
C SER A 509 -4.16 -1.90 19.90
N THR A 510 -3.15 -2.52 19.29
CA THR A 510 -3.30 -3.77 18.52
C THR A 510 -1.93 -4.41 18.31
N ASP A 511 -1.93 -5.71 18.03
CA ASP A 511 -0.72 -6.39 17.60
C ASP A 511 -1.05 -7.18 16.35
N THR A 512 -1.73 -6.51 15.43
CA THR A 512 -2.21 -7.11 14.21
C THR A 512 -1.40 -6.63 13.01
N VAL A 513 -1.54 -5.34 12.71
CA VAL A 513 -0.97 -4.75 11.51
C VAL A 513 0.20 -3.86 11.90
N GLY A 514 1.34 -4.04 11.22
CA GLY A 514 2.54 -3.22 11.46
C GLY A 514 2.57 -1.96 10.59
N VAL A 515 3.36 -0.97 11.01
CA VAL A 515 3.47 0.27 10.24
C VAL A 515 4.90 0.70 9.95
N PHE A 516 5.08 1.27 8.76
CA PHE A 516 6.35 1.84 8.36
C PHE A 516 6.85 2.85 9.39
N SER A 517 8.14 2.73 9.70
CA SER A 517 8.82 3.61 10.64
C SER A 517 9.54 4.71 9.87
N ASP A 518 8.91 5.87 9.74
CA ASP A 518 9.55 7.03 9.13
C ASP A 518 10.64 7.62 10.06
N ASP A 519 10.59 7.30 11.34
CA ASP A 519 11.59 7.80 12.30
C ASP A 519 12.96 7.21 12.02
N ILE A 520 13.02 5.88 11.85
CA ILE A 520 14.28 5.21 11.54
C ILE A 520 14.76 5.64 10.15
N ARG A 521 13.84 5.72 9.19
CA ARG A 521 14.12 6.23 7.86
C ARG A 521 14.75 7.63 7.94
N ASN A 522 14.03 8.60 8.51
CA ASN A 522 14.53 9.97 8.64
C ASN A 522 15.88 10.01 9.34
N SER A 523 16.02 9.22 10.40
CA SER A 523 17.22 9.23 11.23
C SER A 523 18.44 8.71 10.51
N LEU A 524 18.27 7.67 9.70
CA LEU A 524 19.42 7.03 9.06
C LEU A 524 19.86 7.80 7.82
N LYS A 525 18.90 8.24 7.00
CA LYS A 525 19.29 9.02 5.82
C LYS A 525 18.20 9.93 5.24
N SER A 526 17.44 10.57 6.13
CA SER A 526 16.48 11.61 5.74
C SER A 526 15.26 11.07 5.01
N GLY A 527 14.18 11.83 5.06
CA GLY A 527 12.96 11.48 4.35
C GLY A 527 12.02 12.65 4.23
N PHE A 528 10.98 12.48 3.42
CA PHE A 528 9.93 13.48 3.18
C PHE A 528 9.48 14.10 4.50
N PRO A 529 9.38 15.44 4.57
CA PRO A 529 9.58 16.43 3.50
C PRO A 529 11.02 16.90 3.34
N ASN A 530 11.89 16.58 4.30
CA ASN A 530 13.22 17.16 4.39
C ASN A 530 14.30 16.26 3.83
N GLU A 531 13.98 15.65 2.69
CA GLU A 531 14.89 14.75 2.01
C GLU A 531 16.16 15.46 1.55
N GLY A 532 17.31 14.88 1.89
CA GLY A 532 18.60 15.45 1.53
C GLY A 532 19.37 15.95 2.73
N THR A 533 18.68 16.07 3.86
CA THR A 533 19.30 16.56 5.08
C THR A 533 20.28 15.50 5.59
N PRO A 534 21.56 15.89 5.79
CA PRO A 534 22.51 14.94 6.33
C PRO A 534 22.00 14.24 7.59
N ALA A 535 22.06 12.92 7.59
CA ALA A 535 21.59 12.10 8.70
C ALA A 535 22.64 11.03 9.01
N PHE A 536 22.26 10.00 9.78
CA PHE A 536 23.25 9.07 10.35
C PHE A 536 24.25 8.47 9.36
N ILE A 537 23.79 8.00 8.21
CA ILE A 537 24.73 7.44 7.22
C ILE A 537 25.08 8.44 6.11
N THR A 538 24.71 9.70 6.29
CA THR A 538 25.04 10.76 5.34
C THR A 538 25.72 11.95 6.04
N GLY A 539 26.46 11.66 7.11
CA GLY A 539 27.33 12.66 7.74
C GLY A 539 26.71 13.67 8.70
N GLY A 540 25.44 13.51 9.04
CA GLY A 540 24.78 14.40 10.00
C GLY A 540 24.52 13.71 11.33
N PRO A 541 25.28 14.09 12.40
CA PRO A 541 25.22 13.38 13.68
C PRO A 541 23.83 13.26 14.27
N GLN A 542 23.51 12.09 14.81
CA GLN A 542 22.18 11.79 15.33
C GLN A 542 22.30 11.33 16.76
N SER A 543 21.31 11.67 17.57
CA SER A 543 21.22 11.17 18.94
C SER A 543 21.31 9.65 18.99
N LEU A 544 22.38 9.11 19.56
CA LEU A 544 22.62 7.66 19.58
C LEU A 544 21.56 6.90 20.38
N GLN A 545 20.92 7.54 21.35
CA GLN A 545 19.90 6.88 22.13
C GLN A 545 18.64 6.61 21.26
N GLY A 546 18.30 7.56 20.40
CA GLY A 546 17.17 7.42 19.48
C GLY A 546 17.43 6.48 18.33
N ILE A 547 18.68 6.40 17.89
CA ILE A 547 19.10 5.39 16.92
C ILE A 547 18.99 4.01 17.59
N PHE A 548 19.52 3.89 18.80
CA PHE A 548 19.47 2.64 19.53
C PHE A 548 18.03 2.20 19.81
N LYS A 549 17.18 3.12 20.23
CA LYS A 549 15.75 2.81 20.43
C LYS A 549 15.11 2.34 19.12
N ASN A 550 15.46 2.97 17.99
CA ASN A 550 14.92 2.55 16.69
C ASN A 550 15.39 1.15 16.31
N ILE A 551 16.65 0.84 16.61
CA ILE A 551 17.19 -0.50 16.35
C ILE A 551 16.48 -1.56 17.20
N LYS A 552 15.92 -1.13 18.34
CA LYS A 552 15.07 -2.00 19.18
C LYS A 552 13.60 -2.02 18.75
N ALA A 553 13.29 -1.37 17.61
CA ALA A 553 11.92 -1.20 17.13
C ALA A 553 11.09 -0.34 18.10
N GLN A 554 11.69 0.75 18.58
CA GLN A 554 11.03 1.67 19.51
C GLN A 554 11.20 3.11 19.04
N PRO A 555 10.55 3.48 17.93
CA PRO A 555 10.71 4.83 17.34
C PRO A 555 10.21 5.96 18.23
N GLY A 556 10.76 7.14 18.04
CA GLY A 556 10.43 8.29 18.88
C GLY A 556 9.13 9.01 18.55
N ASN A 557 8.53 8.70 17.39
CA ASN A 557 7.36 9.45 16.91
C ASN A 557 6.01 8.72 17.10
N PHE A 558 6.05 7.50 17.61
CA PHE A 558 4.85 6.77 18.04
C PHE A 558 5.23 5.62 18.96
N GLU A 559 4.25 5.08 19.68
CA GLU A 559 4.51 4.04 20.66
C GLU A 559 4.37 2.65 20.04
N ALA A 560 5.48 1.93 19.96
CA ALA A 560 5.49 0.54 19.49
C ALA A 560 5.71 -0.36 20.71
N ASP A 561 4.62 -0.94 21.22
CA ASP A 561 4.72 -1.85 22.39
C ASP A 561 5.04 -3.29 22.01
N SER A 562 5.24 -3.53 20.72
CA SER A 562 5.70 -4.81 20.23
C SER A 562 6.58 -4.60 18.99
N PRO A 563 7.69 -5.34 18.87
CA PRO A 563 8.54 -5.15 17.71
C PRO A 563 7.78 -5.32 16.40
N GLY A 564 6.83 -6.24 16.37
CA GLY A 564 5.99 -6.47 15.20
C GLY A 564 5.16 -5.29 14.72
N ASP A 565 5.03 -4.26 15.55
CA ASP A 565 4.33 -3.03 15.14
C ASP A 565 5.13 -2.20 14.14
N VAL A 566 6.43 -2.47 14.03
CA VAL A 566 7.34 -1.59 13.28
C VAL A 566 7.87 -2.28 12.05
N VAL A 567 7.60 -1.67 10.90
CA VAL A 567 8.23 -2.03 9.65
C VAL A 567 9.43 -1.10 9.47
N GLN A 568 10.62 -1.68 9.52
CA GLN A 568 11.85 -0.90 9.47
C GLN A 568 12.24 -0.70 8.02
N TYR A 569 12.45 0.55 7.61
CA TYR A 569 12.87 0.85 6.25
C TYR A 569 13.64 2.16 6.08
N ILE A 570 14.39 2.23 4.99
CA ILE A 570 15.12 3.45 4.59
C ILE A 570 14.82 3.85 3.14
N ALA A 571 14.22 2.94 2.36
CA ALA A 571 13.80 3.24 0.99
C ALA A 571 12.52 2.50 0.65
N ALA A 572 11.76 3.05 -0.29
CA ALA A 572 10.57 2.41 -0.80
C ALA A 572 10.44 2.83 -2.26
N HIS A 573 9.32 2.53 -2.89
CA HIS A 573 9.07 3.03 -4.24
C HIS A 573 8.90 4.55 -4.21
N ASP A 574 8.40 5.10 -3.10
CA ASP A 574 8.22 6.55 -2.96
C ASP A 574 9.55 7.24 -2.74
N ASN A 575 9.64 8.50 -3.16
CA ASN A 575 10.80 9.34 -2.86
C ASN A 575 12.08 8.89 -3.58
N LEU A 576 13.23 9.50 -3.26
CA LEU A 576 14.51 9.09 -3.86
C LEU A 576 14.92 7.69 -3.40
N THR A 577 15.59 6.95 -4.29
CA THR A 577 16.13 5.64 -3.91
C THR A 577 17.24 5.86 -2.90
N LEU A 578 17.62 4.80 -2.19
CA LEU A 578 18.65 4.90 -1.17
C LEU A 578 19.92 5.54 -1.73
N HIS A 579 20.40 4.99 -2.84
CA HIS A 579 21.56 5.52 -3.54
C HIS A 579 21.42 7.02 -3.84
N ASP A 580 20.31 7.40 -4.46
CA ASP A 580 20.12 8.79 -4.87
C ASP A 580 20.06 9.75 -3.68
N VAL A 581 19.38 9.35 -2.60
CA VAL A 581 19.28 10.21 -1.40
C VAL A 581 20.63 10.33 -0.69
N ILE A 582 21.41 9.26 -0.69
CA ILE A 582 22.77 9.29 -0.13
C ILE A 582 23.61 10.27 -0.95
N ALA A 583 23.63 10.07 -2.27
CA ALA A 583 24.35 10.96 -3.16
C ALA A 583 23.98 12.42 -2.89
N LYS A 584 22.68 12.71 -2.83
CA LYS A 584 22.22 14.08 -2.58
C LYS A 584 22.62 14.60 -1.20
N SER A 585 22.43 13.76 -0.18
CA SER A 585 22.69 14.18 1.19
C SER A 585 24.15 14.54 1.42
N ILE A 586 25.06 13.74 0.88
CA ILE A 586 26.49 14.06 0.94
C ILE A 586 26.91 15.04 -0.16
N ASN A 587 25.99 15.35 -1.07
CA ASN A 587 26.24 16.27 -2.20
C ASN A 587 27.51 15.92 -2.97
N LYS A 588 27.45 14.80 -3.66
CA LYS A 588 28.59 14.29 -4.42
C LYS A 588 28.10 13.65 -5.72
N ASP A 589 29.01 13.56 -6.69
CA ASP A 589 28.72 12.94 -7.97
C ASP A 589 28.79 11.42 -7.82
N PRO A 590 27.78 10.70 -8.35
CA PRO A 590 27.78 9.23 -8.27
C PRO A 590 28.95 8.53 -8.96
N LYS A 591 29.52 9.11 -10.01
CA LYS A 591 30.73 8.53 -10.63
C LYS A 591 31.92 8.56 -9.67
N VAL A 592 32.34 9.75 -9.26
CA VAL A 592 33.53 9.89 -8.41
C VAL A 592 33.36 9.26 -7.02
N ALA A 593 32.21 9.53 -6.39
CA ALA A 593 31.95 9.07 -5.02
C ALA A 593 31.28 7.70 -4.96
N GLU A 594 31.27 6.97 -6.07
CA GLU A 594 30.55 5.69 -6.16
C GLU A 594 30.75 4.81 -4.94
N GLU A 595 32.01 4.53 -4.62
CA GLU A 595 32.34 3.65 -3.50
C GLU A 595 32.09 4.30 -2.13
N ASP A 596 32.14 5.63 -2.08
CA ASP A 596 31.82 6.36 -0.85
C ASP A 596 30.33 6.20 -0.59
N ILE A 597 29.55 6.36 -1.65
CA ILE A 597 28.09 6.23 -1.60
C ILE A 597 27.67 4.80 -1.27
N HIS A 598 28.34 3.84 -1.90
CA HIS A 598 28.04 2.42 -1.69
C HIS A 598 28.45 1.94 -0.31
N ARG A 599 29.59 2.43 0.18
CA ARG A 599 30.01 2.11 1.55
C ARG A 599 28.97 2.60 2.54
N ARG A 600 28.44 3.81 2.32
CA ARG A 600 27.37 4.36 3.16
C ARG A 600 26.05 3.60 3.02
N LEU A 601 25.74 3.19 1.80
CA LEU A 601 24.51 2.45 1.51
C LEU A 601 24.49 1.11 2.24
N ARG A 602 25.60 0.39 2.21
CA ARG A 602 25.71 -0.89 2.91
C ARG A 602 25.51 -0.74 4.43
N LEU A 603 25.91 0.41 4.98
CA LEU A 603 25.68 0.69 6.40
C LEU A 603 24.19 0.78 6.72
N GLY A 604 23.41 1.35 5.80
CA GLY A 604 21.96 1.45 5.96
C GLY A 604 21.31 0.08 5.97
N ASN A 605 21.70 -0.78 5.04
CA ASN A 605 21.18 -2.13 4.96
C ASN A 605 21.58 -2.94 6.19
N VAL A 606 22.82 -2.76 6.66
CA VAL A 606 23.26 -3.49 7.85
C VAL A 606 22.37 -3.14 9.04
N MET A 607 22.03 -1.85 9.16
CA MET A 607 21.28 -1.36 10.31
C MET A 607 19.82 -1.81 10.27
N ILE A 608 19.22 -1.75 9.10
CA ILE A 608 17.86 -2.26 8.92
C ILE A 608 17.78 -3.77 9.13
N LEU A 609 18.77 -4.50 8.61
CA LEU A 609 18.76 -5.97 8.67
C LEU A 609 19.24 -6.54 10.01
N THR A 610 19.76 -5.69 10.89
CA THR A 610 20.10 -6.11 12.26
C THR A 610 19.24 -5.40 13.29
N SER A 611 18.21 -4.69 12.84
CA SER A 611 17.24 -4.07 13.74
C SER A 611 16.12 -5.04 14.05
N GLN A 612 15.46 -4.80 15.18
CA GLN A 612 14.27 -5.56 15.54
C GLN A 612 13.11 -5.09 14.67
N GLY A 613 12.02 -5.86 14.68
CA GLY A 613 10.81 -5.54 13.94
C GLY A 613 10.80 -6.18 12.56
N THR A 614 9.85 -5.80 11.71
CA THR A 614 9.77 -6.38 10.38
C THR A 614 10.73 -5.66 9.45
N ALA A 615 11.52 -6.42 8.70
CA ALA A 615 12.53 -5.86 7.83
C ALA A 615 11.95 -5.63 6.45
N PHE A 616 12.20 -4.44 5.89
CA PHE A 616 11.64 -4.05 4.59
C PHE A 616 12.76 -3.58 3.69
N ILE A 617 12.76 -4.06 2.45
CA ILE A 617 13.80 -3.73 1.49
C ILE A 617 13.14 -3.33 0.18
N HIS A 618 13.47 -2.13 -0.30
CA HIS A 618 12.97 -1.67 -1.58
C HIS A 618 13.76 -2.39 -2.66
N SER A 619 13.08 -2.83 -3.71
CA SER A 619 13.77 -3.54 -4.80
C SER A 619 14.78 -2.62 -5.45
N GLY A 620 16.02 -3.08 -5.50
CA GLY A 620 17.13 -2.28 -6.02
C GLY A 620 18.01 -1.69 -4.93
N GLN A 621 17.42 -1.50 -3.74
CA GLN A 621 18.16 -1.07 -2.56
C GLN A 621 19.33 -2.01 -2.29
N GLU A 622 19.19 -3.28 -2.69
CA GLU A 622 20.26 -4.25 -2.51
C GLU A 622 21.49 -3.99 -3.40
N TYR A 623 21.29 -3.38 -4.57
CA TYR A 623 22.38 -3.17 -5.52
C TYR A 623 22.78 -1.69 -5.71
N GLY A 624 21.94 -0.76 -5.28
CA GLY A 624 22.23 0.66 -5.43
C GLY A 624 21.48 1.28 -6.59
N ARG A 625 20.21 0.93 -6.71
CA ARG A 625 19.33 1.41 -7.76
C ARG A 625 19.20 2.93 -7.76
N THR A 626 19.13 3.50 -8.97
CA THR A 626 19.06 4.95 -9.15
C THR A 626 17.94 5.33 -10.12
N LYS A 627 17.37 6.52 -9.91
CA LYS A 627 16.35 7.08 -10.80
C LYS A 627 16.89 8.32 -11.50
N ARG A 628 18.09 8.15 -12.05
CA ARG A 628 18.83 9.18 -12.79
C ARG A 628 18.08 9.68 -14.03
N LEU A 629 17.95 11.00 -14.15
CA LEU A 629 17.31 11.61 -15.32
C LEU A 629 18.32 11.82 -16.47
N LEU A 630 18.65 10.74 -17.15
CA LEU A 630 19.60 10.76 -18.26
C LEU A 630 18.96 11.29 -19.56
N ASN A 631 18.41 12.50 -19.49
CA ASN A 631 17.75 13.14 -20.62
C ASN A 631 18.60 14.32 -21.09
N PRO A 632 18.90 14.38 -22.40
CA PRO A 632 19.67 15.50 -22.96
C PRO A 632 19.23 16.90 -22.54
N ASP A 633 17.93 17.21 -22.64
CA ASP A 633 17.44 18.55 -22.26
C ASP A 633 17.61 18.84 -20.76
N TYR A 634 18.16 17.87 -20.03
CA TYR A 634 18.43 17.99 -18.60
C TYR A 634 19.82 17.42 -18.28
N MET A 635 20.83 17.96 -18.96
CA MET A 635 22.22 17.56 -18.74
C MET A 635 22.89 18.49 -17.73
N THR A 636 22.46 19.77 -17.73
CA THR A 636 22.88 20.73 -16.71
C THR A 636 21.64 21.39 -16.12
N LYS A 637 21.81 22.03 -14.97
CA LYS A 637 20.71 22.73 -14.30
C LYS A 637 19.96 23.65 -15.27
N VAL A 638 18.66 23.77 -15.03
CA VAL A 638 17.79 24.66 -15.79
C VAL A 638 17.02 25.52 -14.77
N SER A 639 16.44 26.62 -15.23
CA SER A 639 15.58 27.43 -14.37
C SER A 639 14.46 26.59 -13.77
N ASP A 641 12.52 28.12 -11.30
CA ASP A 641 11.29 28.50 -12.00
C ASP A 641 10.76 27.34 -12.87
N LYS A 642 11.41 27.10 -14.00
CA LYS A 642 11.01 26.04 -14.94
C LYS A 642 11.80 24.75 -14.69
N LEU A 643 11.33 23.96 -13.72
CA LEU A 643 12.01 22.72 -13.32
C LEU A 643 11.40 21.53 -14.05
N PRO A 644 12.14 20.40 -14.14
CA PRO A 644 11.53 19.17 -14.61
C PRO A 644 10.64 18.54 -13.54
N ASN A 645 9.72 17.68 -13.98
CA ASN A 645 8.68 17.17 -13.09
C ASN A 645 9.23 16.15 -12.10
N LYS A 646 8.87 16.32 -10.84
CA LYS A 646 9.18 15.35 -9.77
C LYS A 646 10.67 14.97 -9.69
N ALA A 647 11.54 15.98 -9.85
CA ALA A 647 12.98 15.75 -9.86
C ALA A 647 13.70 16.56 -8.77
N THR A 648 14.78 16.00 -8.26
CA THR A 648 15.64 16.68 -7.28
C THR A 648 17.01 16.86 -7.91
N LEU A 649 17.65 17.99 -7.61
CA LEU A 649 18.96 18.33 -8.17
C LEU A 649 20.07 18.07 -7.17
N ILE A 650 21.18 17.53 -7.65
CA ILE A 650 22.42 17.46 -6.90
C ILE A 650 23.43 18.43 -7.54
N GLU A 651 23.92 19.39 -6.76
CA GLU A 651 24.84 20.43 -7.25
C GLU A 651 26.16 19.82 -7.71
N ALA A 652 26.80 19.06 -6.81
CA ALA A 652 28.12 18.47 -7.06
C ALA A 652 28.26 17.83 -8.45
N VAL A 653 27.22 17.13 -8.89
CA VAL A 653 27.25 16.45 -10.18
C VAL A 653 27.05 17.45 -11.33
N LYS A 654 27.85 17.28 -12.39
CA LYS A 654 27.82 18.16 -13.54
C LYS A 654 27.00 17.57 -14.67
N GLU A 655 27.23 16.29 -14.94
CA GLU A 655 26.57 15.56 -16.03
C GLU A 655 25.30 14.89 -15.50
N TYR A 656 24.15 15.30 -16.02
CA TYR A 656 22.86 14.76 -15.63
C TYR A 656 22.67 14.83 -14.10
N PRO A 657 22.36 16.03 -13.57
CA PRO A 657 22.26 16.26 -12.14
C PRO A 657 20.88 15.99 -11.54
N TYR A 658 19.90 15.59 -12.37
CA TYR A 658 18.52 15.44 -11.90
C TYR A 658 18.17 13.98 -11.62
N PHE A 659 17.54 13.77 -10.47
CA PHE A 659 17.14 12.45 -10.02
C PHE A 659 15.68 12.52 -9.59
N ILE A 660 14.89 11.55 -10.05
CA ILE A 660 13.44 11.57 -9.84
C ILE A 660 13.09 10.98 -8.48
N HIS A 661 12.26 11.71 -7.74
CA HIS A 661 11.84 11.31 -6.39
C HIS A 661 10.39 10.84 -6.34
N ASP A 662 9.73 10.79 -7.49
CA ASP A 662 8.34 10.38 -7.57
C ASP A 662 8.10 9.82 -8.97
N SER A 663 8.45 8.55 -9.15
CA SER A 663 8.52 7.96 -10.49
C SER A 663 7.25 7.22 -10.93
N TYR A 664 6.10 7.59 -10.37
CA TYR A 664 4.82 6.95 -10.72
C TYR A 664 4.48 7.08 -12.21
N ASP A 665 4.86 8.22 -12.82
CA ASP A 665 4.57 8.52 -14.23
C ASP A 665 5.83 8.58 -15.10
N SER A 666 6.90 7.91 -14.66
CA SER A 666 8.20 7.95 -15.33
C SER A 666 8.37 6.74 -16.22
N SER A 667 9.33 6.84 -17.15
CA SER A 667 9.51 5.79 -18.16
C SER A 667 10.16 4.54 -17.59
N ASP A 668 10.19 3.48 -18.40
CA ASP A 668 10.85 2.22 -18.04
C ASP A 668 12.35 2.43 -17.94
N ALA A 669 12.87 3.39 -18.71
CA ALA A 669 14.27 3.79 -18.62
C ALA A 669 14.60 4.31 -17.21
N ILE A 670 13.66 5.03 -16.60
CA ILE A 670 13.84 5.52 -15.22
C ILE A 670 13.55 4.43 -14.17
N ASN A 671 12.57 3.57 -14.46
CA ASN A 671 12.01 2.68 -13.44
C ASN A 671 12.46 1.23 -13.52
N HIS A 672 13.27 0.87 -14.52
CA HIS A 672 13.66 -0.55 -14.68
C HIS A 672 14.69 -0.97 -13.61
N PHE A 673 14.52 -2.19 -13.12
CA PHE A 673 15.49 -2.83 -12.24
C PHE A 673 16.69 -3.23 -13.10
N ASP A 674 17.89 -2.89 -12.64
CA ASP A 674 19.11 -3.06 -13.42
C ASP A 674 19.75 -4.42 -13.13
N TRP A 675 19.51 -5.38 -14.02
CA TRP A 675 20.03 -6.74 -13.84
C TRP A 675 21.54 -6.88 -14.02
N ALA A 676 22.11 -6.10 -14.94
CA ALA A 676 23.57 -6.06 -15.09
C ALA A 676 24.20 -5.56 -13.79
N ALA A 677 23.69 -4.45 -13.27
CA ALA A 677 24.13 -3.88 -12.00
C ALA A 677 23.96 -4.83 -10.80
N ALA A 678 22.95 -5.70 -10.86
CA ALA A 678 22.62 -6.61 -9.77
C ALA A 678 23.36 -7.96 -9.80
N THR A 679 23.73 -8.45 -10.97
CA THR A 679 24.28 -9.82 -11.07
C THR A 679 25.57 -10.00 -11.90
N ASP A 680 25.92 -8.98 -12.70
CA ASP A 680 27.09 -9.07 -13.54
C ASP A 680 28.32 -8.55 -12.80
N ASN A 681 28.96 -9.45 -12.08
CA ASN A 681 30.12 -9.13 -11.24
C ASN A 681 31.24 -8.43 -12.03
N ASN A 682 31.54 -8.95 -13.22
CA ASN A 682 32.57 -8.41 -14.09
C ASN A 682 32.33 -6.93 -14.44
N LYS A 683 31.16 -6.63 -15.00
CA LYS A 683 30.87 -5.28 -15.49
C LYS A 683 30.72 -4.26 -14.37
N HIS A 684 30.05 -4.66 -13.29
CA HIS A 684 29.75 -3.75 -12.17
C HIS A 684 30.16 -4.36 -10.83
N PRO A 685 31.46 -4.31 -10.52
CA PRO A 685 31.96 -4.92 -9.28
C PRO A 685 31.44 -4.25 -7.99
N ILE A 686 31.19 -2.94 -8.04
CA ILE A 686 30.78 -2.20 -6.84
C ILE A 686 29.33 -2.49 -6.44
N SER A 687 28.42 -2.50 -7.41
CA SER A 687 27.01 -2.76 -7.14
C SER A 687 26.75 -4.24 -6.84
N THR A 688 27.47 -5.13 -7.52
CA THR A 688 27.35 -6.57 -7.26
C THR A 688 27.94 -6.92 -5.89
N LYS A 689 28.90 -6.13 -5.43
CA LYS A 689 29.47 -6.31 -4.08
C LYS A 689 28.43 -5.93 -3.03
N THR A 690 27.77 -4.79 -3.27
CA THR A 690 26.67 -4.31 -2.43
C THR A 690 25.51 -5.30 -2.41
N GLN A 691 25.28 -5.95 -3.55
CA GLN A 691 24.26 -6.98 -3.69
C GLN A 691 24.61 -8.23 -2.87
N ALA A 692 25.80 -8.77 -3.05
CA ALA A 692 26.25 -9.93 -2.28
C ALA A 692 26.26 -9.60 -0.79
N TYR A 693 26.71 -8.39 -0.47
CA TYR A 693 26.74 -7.91 0.91
C TYR A 693 25.33 -7.92 1.50
N THR A 694 24.37 -7.38 0.73
CA THR A 694 22.98 -7.32 1.21
C THR A 694 22.40 -8.72 1.36
N ALA A 695 22.73 -9.61 0.43
CA ALA A 695 22.34 -11.02 0.53
C ALA A 695 22.84 -11.61 1.84
N GLY A 696 24.11 -11.38 2.13
CA GLY A 696 24.73 -11.95 3.33
C GLY A 696 24.06 -11.48 4.61
N LEU A 697 23.67 -10.20 4.62
CA LEU A 697 23.00 -9.63 5.77
C LEU A 697 21.65 -10.30 5.99
N ILE A 698 20.93 -10.56 4.90
CA ILE A 698 19.66 -11.27 4.98
C ILE A 698 19.89 -12.68 5.51
N THR A 699 20.88 -13.36 4.96
CA THR A 699 21.24 -14.69 5.43
C THR A 699 21.44 -14.68 6.94
N LEU A 700 22.25 -13.71 7.42
CA LEU A 700 22.54 -13.57 8.85
C LEU A 700 21.27 -13.35 9.66
N ARG A 701 20.44 -12.40 9.22
CA ARG A 701 19.18 -12.08 9.90
C ARG A 701 18.26 -13.27 10.05
N ARG A 702 18.20 -14.14 9.03
CA ARG A 702 17.36 -15.34 9.07
C ARG A 702 17.94 -16.43 9.96
N SER A 703 19.26 -16.43 10.14
CA SER A 703 19.96 -17.53 10.82
C SER A 703 19.98 -17.43 12.34
N THR A 704 19.38 -16.39 12.91
CA THR A 704 19.39 -16.19 14.36
C THR A 704 18.27 -15.25 14.80
N ASP A 705 17.55 -15.64 15.86
CA ASP A 705 16.45 -14.83 16.38
C ASP A 705 16.93 -13.70 17.28
N ALA A 706 18.23 -13.43 17.30
CA ALA A 706 18.76 -12.24 17.96
C ALA A 706 18.22 -10.97 17.31
N PHE A 707 17.99 -11.04 16.00
CA PHE A 707 17.51 -9.90 15.23
C PHE A 707 16.00 -9.92 14.95
N ARG A 708 15.35 -11.01 15.38
CA ARG A 708 13.93 -11.21 15.15
C ARG A 708 13.23 -11.58 16.45
N LYS A 709 13.42 -10.77 17.49
CA LYS A 709 12.81 -11.02 18.79
C LYS A 709 11.32 -10.73 18.77
N LEU A 710 10.60 -11.18 19.80
CA LEU A 710 9.14 -11.23 19.80
C LEU A 710 8.47 -10.14 20.63
N SER A 711 9.05 -9.79 21.77
CA SER A 711 8.45 -8.80 22.68
C SER A 711 9.41 -7.68 23.06
N LYS A 712 8.86 -6.52 23.41
CA LYS A 712 9.65 -5.39 23.91
C LYS A 712 10.36 -5.77 25.22
N ALA A 713 9.68 -6.57 26.04
CA ALA A 713 10.24 -7.05 27.31
C ALA A 713 11.60 -7.70 27.12
N GLU A 714 11.66 -8.69 26.23
CA GLU A 714 12.90 -9.43 26.00
C GLU A 714 13.92 -8.64 25.15
N ILE A 715 13.44 -7.73 24.30
CA ILE A 715 14.33 -6.86 23.55
C ILE A 715 15.08 -5.89 24.48
N ASP A 716 14.35 -5.19 25.35
CA ASP A 716 14.95 -4.28 26.33
C ASP A 716 15.97 -4.99 27.22
N ARG A 717 15.78 -6.29 27.46
CA ARG A 717 16.69 -7.07 28.30
C ARG A 717 17.93 -7.57 27.54
N GLU A 718 17.73 -8.09 26.34
CA GLU A 718 18.77 -8.84 25.64
C GLU A 718 19.48 -8.06 24.53
N VAL A 719 18.99 -6.87 24.21
CA VAL A 719 19.64 -5.98 23.24
C VAL A 719 20.23 -4.79 23.98
N SER A 720 21.56 -4.66 23.90
CA SER A 720 22.32 -3.75 24.76
C SER A 720 23.08 -2.71 23.92
N LEU A 721 23.31 -1.53 24.51
CA LEU A 721 24.05 -0.47 23.82
C LEU A 721 25.51 -0.46 24.28
N ILE A 722 26.39 -0.93 23.40
CA ILE A 722 27.83 -1.00 23.70
C ILE A 722 28.44 0.40 23.79
N THR A 723 28.10 1.26 22.83
CA THR A 723 28.61 2.63 22.80
C THR A 723 27.72 3.57 23.60
N GLU A 724 28.04 3.73 24.89
CA GLU A 724 27.30 4.67 25.73
C GLU A 724 27.93 6.07 25.61
N VAL A 725 27.11 7.10 25.79
CA VAL A 725 27.58 8.47 25.67
C VAL A 725 28.65 8.72 26.73
N GLY A 726 29.86 9.04 26.27
CA GLY A 726 30.98 9.27 27.17
C GLY A 726 32.10 8.24 27.01
N GLN A 727 31.73 6.98 26.84
CA GLN A 727 32.73 5.91 26.65
C GLN A 727 33.60 6.20 25.43
N GLY A 728 34.87 6.54 25.68
CA GLY A 728 35.80 6.86 24.62
C GLY A 728 35.43 8.14 23.89
N ASP A 729 35.37 8.06 22.57
CA ASP A 729 35.17 9.22 21.70
C ASP A 729 33.69 9.56 21.52
N ILE A 730 32.80 8.77 22.12
CA ILE A 730 31.36 8.83 21.81
C ILE A 730 30.66 10.04 22.41
N LYS A 731 30.11 10.88 21.54
CA LYS A 731 29.31 12.02 21.96
C LYS A 731 27.84 11.62 21.99
N GLU A 732 26.99 12.54 22.47
CA GLU A 732 25.56 12.27 22.57
C GLU A 732 24.94 12.15 21.19
N LYS A 733 25.26 13.13 20.33
CA LYS A 733 24.98 13.04 18.90
C LYS A 733 26.27 12.58 18.23
N ASP A 734 26.17 11.53 17.42
CA ASP A 734 27.38 10.99 16.79
C ASP A 734 27.04 10.20 15.53
N LEU A 735 28.08 9.76 14.83
CA LEU A 735 27.96 9.00 13.58
C LEU A 735 28.53 7.60 13.73
N VAL A 736 28.66 7.11 14.96
CA VAL A 736 29.06 5.72 15.20
C VAL A 736 28.19 5.16 16.31
N ILE A 737 27.85 3.88 16.20
CA ILE A 737 27.06 3.20 17.23
C ILE A 737 27.31 1.69 17.15
N ALA A 738 27.20 1.02 18.28
CA ALA A 738 27.26 -0.45 18.31
C ALA A 738 26.36 -1.00 19.40
N TYR A 739 25.85 -2.20 19.16
CA TYR A 739 24.90 -2.83 20.06
C TYR A 739 25.07 -4.35 20.08
N GLN A 740 24.78 -4.96 21.24
CA GLN A 740 24.84 -6.41 21.40
C GLN A 740 23.46 -7.03 21.39
N THR A 741 23.35 -8.23 20.84
CA THR A 741 22.14 -9.04 20.97
C THR A 741 22.51 -10.46 21.36
N ILE A 742 21.51 -11.23 21.78
CA ILE A 742 21.68 -12.65 22.13
C ILE A 742 20.49 -13.44 21.61
N ASP A 743 20.74 -14.50 20.84
CA ASP A 743 19.65 -15.41 20.46
C ASP A 743 19.49 -16.50 21.54
N SER A 744 18.51 -17.37 21.36
CA SER A 744 18.21 -18.42 22.34
C SER A 744 18.81 -19.74 21.92
N GLY A 746 22.21 -19.36 22.73
CA GLY A 746 22.93 -18.33 23.48
C GLY A 746 24.07 -17.65 22.71
N ASP A 747 24.01 -17.68 21.39
CA ASP A 747 25.02 -17.03 20.58
C ASP A 747 24.85 -15.51 20.67
N ILE A 748 25.89 -14.83 21.10
CA ILE A 748 25.90 -13.37 21.21
C ILE A 748 26.36 -12.80 19.87
N TYR A 749 25.72 -11.71 19.45
CA TYR A 749 26.11 -10.99 18.24
C TYR A 749 26.30 -9.51 18.58
N ALA A 750 27.33 -8.91 18.00
CA ALA A 750 27.63 -7.50 18.21
C ALA A 750 27.76 -6.82 16.87
N VAL A 751 26.93 -5.80 16.63
CA VAL A 751 26.99 -5.04 15.40
C VAL A 751 27.62 -3.69 15.69
N PHE A 752 28.65 -3.36 14.92
CA PHE A 752 29.33 -2.07 15.03
C PHE A 752 29.16 -1.31 13.72
N VAL A 753 28.77 -0.05 13.79
CA VAL A 753 28.58 0.75 12.58
C VAL A 753 29.27 2.11 12.71
N ASN A 754 30.39 2.25 12.00
CA ASN A 754 31.07 3.54 11.92
C ASN A 754 30.65 4.30 10.65
N ALA A 755 29.69 5.19 10.79
CA ALA A 755 29.27 6.05 9.68
C ALA A 755 30.10 7.34 9.59
N ASP A 756 31.12 7.47 10.44
CA ASP A 756 31.96 8.66 10.47
C ASP A 756 32.92 8.61 9.29
N SER A 757 33.40 9.77 8.85
CA SER A 757 34.33 9.87 7.73
C SER A 757 35.80 9.69 8.16
N LYS A 758 36.00 9.45 9.46
CA LYS A 758 37.31 9.09 10.00
C LYS A 758 37.19 7.78 10.77
N ALA A 759 38.33 7.18 11.09
CA ALA A 759 38.36 5.92 11.83
C ALA A 759 38.00 6.20 13.28
N ARG A 760 37.49 5.19 13.99
CA ARG A 760 36.99 5.41 15.34
C ARG A 760 37.28 4.21 16.24
N ASN A 761 37.73 4.50 17.46
CA ASN A 761 37.97 3.49 18.46
C ASN A 761 36.70 3.23 19.26
N VAL A 762 36.19 2.01 19.19
CA VAL A 762 35.05 1.65 20.01
C VAL A 762 35.57 0.93 21.25
N LEU A 763 35.31 1.55 22.40
CA LEU A 763 35.77 1.02 23.67
C LEU A 763 34.81 -0.07 24.12
N LEU A 764 35.29 -1.31 24.19
CA LEU A 764 34.50 -2.41 24.71
C LEU A 764 34.37 -2.31 26.22
N GLY A 765 35.49 -2.05 26.89
CA GLY A 765 35.53 -1.90 28.34
C GLY A 765 35.31 -3.22 29.03
N GLU A 766 35.05 -3.13 30.34
CA GLU A 766 34.89 -4.33 31.16
C GLU A 766 33.74 -5.21 30.66
N LYS A 767 32.59 -4.59 30.41
CA LYS A 767 31.34 -5.31 30.10
C LYS A 767 31.36 -6.11 28.79
N TYR A 768 32.01 -5.57 27.75
CA TYR A 768 31.95 -6.16 26.40
C TYR A 768 33.30 -6.67 25.86
N LYS A 769 34.36 -6.66 26.67
CA LYS A 769 35.67 -7.15 26.20
C LYS A 769 35.63 -8.63 25.78
N HIS A 770 34.68 -9.39 26.31
CA HIS A 770 34.47 -10.80 25.91
C HIS A 770 34.18 -10.99 24.41
N LEU A 771 33.71 -9.93 23.75
CA LEU A 771 33.48 -9.96 22.31
C LEU A 771 34.73 -10.34 21.52
N LEU A 772 35.90 -9.92 22.01
CA LEU A 772 37.18 -10.20 21.33
C LEU A 772 37.46 -11.70 21.16
N LYS A 773 36.90 -12.52 22.05
CA LYS A 773 37.05 -13.98 21.96
C LYS A 773 36.22 -14.58 20.84
N GLY A 774 35.25 -13.81 20.33
CA GLY A 774 34.45 -14.21 19.18
C GLY A 774 35.13 -14.00 17.83
N GLN A 775 34.34 -14.14 16.76
CA GLN A 775 34.85 -14.09 15.40
C GLN A 775 34.02 -13.17 14.53
N VAL A 776 34.64 -12.58 13.51
CA VAL A 776 33.99 -11.62 12.63
C VAL A 776 33.27 -12.32 11.50
N ILE A 777 31.99 -11.99 11.32
CA ILE A 777 31.16 -12.54 10.22
C ILE A 777 30.64 -11.47 9.24
N VAL A 778 30.78 -10.19 9.61
CA VAL A 778 30.56 -9.09 8.67
C VAL A 778 31.73 -8.12 8.79
N ASP A 779 32.24 -7.67 7.64
CA ASP A 779 33.35 -6.71 7.60
C ASP A 779 33.13 -5.75 6.43
N ALA A 780 34.15 -4.96 6.09
CA ALA A 780 34.02 -3.97 5.01
C ALA A 780 33.66 -4.58 3.67
N ASP A 781 34.21 -5.76 3.39
CA ASP A 781 34.08 -6.38 2.06
C ASP A 781 32.90 -7.35 1.93
N GLN A 782 32.56 -8.06 3.00
CA GLN A 782 31.61 -9.17 2.88
C GLN A 782 30.75 -9.38 4.12
N ALA A 783 29.56 -9.97 3.88
CA ALA A 783 28.61 -10.27 4.96
C ALA A 783 28.14 -11.73 4.89
N GLY A 784 27.86 -12.34 6.04
CA GLY A 784 27.39 -13.73 6.09
C GLY A 784 27.32 -14.31 7.48
N ILE A 785 27.28 -15.65 7.56
CA ILE A 785 27.33 -16.35 8.84
C ILE A 785 28.64 -17.13 9.07
N LYS A 786 29.42 -17.34 8.00
CA LYS A 786 30.72 -17.98 8.12
C LYS A 786 31.76 -17.02 8.71
N PRO A 787 32.67 -17.52 9.57
CA PRO A 787 33.71 -16.65 10.11
C PRO A 787 34.75 -16.21 9.08
N ILE A 788 35.15 -14.95 9.15
CA ILE A 788 36.16 -14.38 8.26
C ILE A 788 37.53 -14.47 8.92
N SER A 789 38.42 -15.28 8.36
CA SER A 789 39.73 -15.55 8.95
C SER A 789 40.69 -14.35 8.86
N THR A 790 40.48 -13.49 7.87
CA THR A 790 41.33 -12.30 7.67
C THR A 790 40.48 -11.01 7.45
N PRO A 791 39.78 -10.56 8.51
CA PRO A 791 38.81 -9.46 8.41
C PRO A 791 39.42 -8.15 7.94
N ARG A 792 38.64 -7.35 7.20
CA ARG A 792 39.10 -6.05 6.69
C ARG A 792 38.33 -4.91 7.35
N GLY A 793 38.99 -3.77 7.52
CA GLY A 793 38.34 -2.56 8.02
C GLY A 793 38.17 -2.49 9.52
N VAL A 794 38.82 -3.40 10.24
CA VAL A 794 38.75 -3.46 11.70
C VAL A 794 40.09 -3.89 12.27
N HIS A 795 40.43 -3.38 13.45
CA HIS A 795 41.63 -3.83 14.17
C HIS A 795 41.29 -4.00 15.65
N PHE A 796 41.76 -5.11 16.23
CA PHE A 796 41.45 -5.48 17.61
C PHE A 796 42.59 -5.16 18.55
N GLU A 797 42.25 -4.72 19.75
CA GLU A 797 43.21 -4.39 20.79
C GLU A 797 42.81 -5.16 22.06
N LYS A 798 43.50 -4.87 23.16
CA LYS A 798 43.26 -5.57 24.43
C LYS A 798 41.80 -5.46 24.86
N ASP A 799 41.19 -4.29 24.63
CA ASP A 799 39.80 -4.03 25.04
C ASP A 799 39.06 -3.05 24.13
N SER A 800 39.39 -3.05 22.83
CA SER A 800 38.76 -2.11 21.90
C SER A 800 38.94 -2.52 20.44
N LEU A 801 38.12 -1.90 19.58
CA LEU A 801 38.18 -2.09 18.12
C LEU A 801 38.43 -0.75 17.44
N LEU A 802 39.41 -0.71 16.53
CA LEU A 802 39.61 0.43 15.66
C LEU A 802 38.90 0.15 14.34
N ILE A 803 37.75 0.79 14.13
CA ILE A 803 36.97 0.58 12.90
C ILE A 803 37.27 1.65 11.85
N ASP A 804 37.46 1.20 10.61
CA ASP A 804 37.66 2.09 9.47
C ASP A 804 36.47 3.02 9.25
N PRO A 805 36.67 4.15 8.54
CA PRO A 805 35.54 5.02 8.26
C PRO A 805 34.54 4.37 7.31
N LEU A 806 33.26 4.67 7.46
CA LEU A 806 32.22 4.15 6.58
C LEU A 806 32.30 2.62 6.49
N THR A 807 32.32 1.96 7.63
CA THR A 807 32.50 0.50 7.68
C THR A 807 31.62 -0.11 8.76
N ALA A 808 31.10 -1.31 8.48
CA ALA A 808 30.31 -2.07 9.45
C ALA A 808 31.01 -3.37 9.83
N ILE A 809 30.97 -3.71 11.12
CA ILE A 809 31.57 -4.94 11.64
C ILE A 809 30.51 -5.70 12.44
N VAL A 810 30.46 -7.01 12.24
CA VAL A 810 29.62 -7.86 13.09
C VAL A 810 30.46 -9.02 13.62
N ILE A 811 30.39 -9.24 14.94
CA ILE A 811 31.08 -10.35 15.58
C ILE A 811 30.09 -11.38 16.15
N LYS A 812 30.40 -12.66 16.00
CA LYS A 812 29.62 -13.73 16.60
C LYS A 812 30.44 -14.40 17.70
N VAL A 813 29.86 -14.54 18.88
CA VAL A 813 30.44 -15.31 19.97
C VAL A 813 29.50 -16.45 20.36
N GLY A 814 29.71 -17.62 19.76
CA GLY A 814 28.88 -18.80 20.02
C GLY A 814 29.12 -19.33 21.42
N LYS A 815 28.19 -20.13 21.91
CA LYS A 815 28.30 -20.72 23.25
C LYS A 815 27.28 -21.83 23.44
#